data_1VBN
#
_entry.id   1VBN
#
_cell.length_a   83.627
_cell.length_b   83.627
_cell.length_c   183.490
_cell.angle_alpha   90.00
_cell.angle_beta   90.00
_cell.angle_gamma   120.00
#
_symmetry.space_group_name_H-M   'P 32 2 1'
#
loop_
_entity.id
_entity.type
_entity.pdbx_description
1 polymer 'Tyrosyl-tRNA synthetase'
2 non-polymer "5'-O-[N-(L-TYROSYL)SULFAMOYL]ADENOSINE"
3 water water
#
_entity_poly.entity_id   1
_entity_poly.type   'polypeptide(L)'
_entity_poly.pdbx_seq_one_letter_code
;NLIKQLQERGLVAQVTDEEALAERLAQGPIALVCGFDPTADSLHLGHLVPLLCLKRFQQAGHKPVALVGGATGLIGDPSF
KAAERKLNTEETVQEWVDKIRKQVAPFLDFDCGENSAIAANNYDWFGNMNVLTFLRDIGKHFSVNQMINKEAVKQRLNRE
DQGISFTEFSYNLLQGYDFACLNKQYGVVLCIGGSDQWGNITSGIDLTRRLHQNQVFGLTVPLITKADGTKFGKTEGGAV
WLDPKKTSPYKFYQFWINTADADVYRFLKFFTFMSIEEINALEEEDKNSGKAPRAQYVLAEQVTRLVHGEEGLQAAKR
;
_entity_poly.pdbx_strand_id   A,B
#
loop_
_chem_comp.id
_chem_comp.type
_chem_comp.name
_chem_comp.formula
YSA non-polymer 5'-O-[N-(L-TYROSYL)SULFAMOYL]ADENOSINE 'C19 H23 N7 O8 S'
#
# COMPACT_ATOMS: atom_id res chain seq x y z
N ASN A 1 32.61 -23.23 -3.91
CA ASN A 1 32.16 -24.59 -4.31
C ASN A 1 31.04 -24.51 -5.34
N LEU A 2 29.79 -24.67 -4.87
CA LEU A 2 28.63 -24.62 -5.75
C LEU A 2 28.47 -23.32 -6.51
N ILE A 3 28.54 -22.18 -5.81
CA ILE A 3 28.41 -20.90 -6.49
C ILE A 3 29.42 -20.84 -7.63
N LYS A 4 30.67 -21.13 -7.31
CA LYS A 4 31.72 -21.09 -8.32
C LYS A 4 31.39 -22.00 -9.50
N GLN A 5 30.71 -23.13 -9.25
CA GLN A 5 30.34 -24.06 -10.30
C GLN A 5 29.33 -23.40 -11.25
N LEU A 6 28.31 -22.78 -10.67
CA LEU A 6 27.29 -22.10 -11.45
C LEU A 6 27.92 -20.95 -12.21
N GLN A 7 28.95 -20.34 -11.64
CA GLN A 7 29.61 -19.22 -12.31
C GLN A 7 30.25 -19.71 -13.61
N GLU A 8 30.77 -20.93 -13.57
CA GLU A 8 31.41 -21.55 -14.74
C GLU A 8 30.42 -21.78 -15.87
N ARG A 9 29.13 -21.78 -15.53
CA ARG A 9 28.11 -21.99 -16.54
C ARG A 9 27.52 -20.64 -16.93
N GLY A 10 27.96 -19.60 -16.22
CA GLY A 10 27.48 -18.25 -16.47
C GLY A 10 26.02 -18.11 -16.06
N LEU A 11 25.68 -18.76 -14.95
CA LEU A 11 24.32 -18.74 -14.43
C LEU A 11 24.17 -17.85 -13.20
N VAL A 12 25.17 -17.02 -12.94
CA VAL A 12 25.15 -16.15 -11.76
C VAL A 12 25.32 -14.68 -12.09
N ALA A 13 24.23 -13.94 -12.04
CA ALA A 13 24.26 -12.51 -12.31
C ALA A 13 24.83 -11.78 -11.09
N GLN A 14 24.10 -11.81 -9.97
CA GLN A 14 24.53 -11.14 -8.76
C GLN A 14 24.31 -12.04 -7.54
N VAL A 15 25.15 -11.85 -6.54
CA VAL A 15 25.05 -12.62 -5.31
C VAL A 15 25.18 -11.59 -4.19
N THR A 16 24.22 -11.61 -3.27
CA THR A 16 24.17 -10.65 -2.16
C THR A 16 25.40 -10.66 -1.26
N ASP A 17 25.83 -11.85 -0.86
CA ASP A 17 26.99 -11.98 -0.01
C ASP A 17 27.58 -13.32 -0.37
N GLU A 18 28.26 -13.35 -1.51
CA GLU A 18 28.84 -14.58 -2.00
C GLU A 18 29.54 -15.41 -0.93
N GLU A 19 30.53 -14.80 -0.26
CA GLU A 19 31.28 -15.47 0.78
C GLU A 19 30.41 -16.13 1.85
N ALA A 20 29.71 -15.31 2.64
CA ALA A 20 28.84 -15.83 3.69
C ALA A 20 27.94 -16.92 3.15
N LEU A 21 27.37 -16.69 1.96
CA LEU A 21 26.49 -17.68 1.34
C LEU A 21 27.28 -18.94 1.04
N ALA A 22 28.44 -18.78 0.43
CA ALA A 22 29.28 -19.90 0.08
C ALA A 22 29.65 -20.70 1.33
N GLU A 23 30.02 -19.98 2.39
CA GLU A 23 30.39 -20.61 3.66
C GLU A 23 29.20 -21.33 4.29
N ARG A 24 28.02 -20.73 4.17
CA ARG A 24 26.81 -21.33 4.74
C ARG A 24 26.44 -22.62 4.04
N LEU A 25 26.43 -22.59 2.71
CA LEU A 25 26.08 -23.76 1.94
C LEU A 25 27.00 -24.89 2.37
N ALA A 26 28.27 -24.55 2.58
CA ALA A 26 29.29 -25.50 3.01
C ALA A 26 28.91 -26.19 4.33
N GLN A 27 28.57 -25.39 5.34
CA GLN A 27 28.17 -25.91 6.64
C GLN A 27 27.23 -27.10 6.52
N GLY A 28 26.31 -27.05 5.56
CA GLY A 28 25.36 -28.15 5.39
C GLY A 28 24.22 -27.78 4.46
N PRO A 29 23.29 -28.71 4.18
CA PRO A 29 22.18 -28.39 3.28
C PRO A 29 21.29 -27.28 3.82
N ILE A 30 20.66 -26.55 2.91
CA ILE A 30 19.76 -25.47 3.25
C ILE A 30 18.51 -25.60 2.42
N ALA A 31 17.59 -24.67 2.63
CA ALA A 31 16.35 -24.66 1.88
C ALA A 31 16.34 -23.35 1.12
N LEU A 32 16.06 -23.41 -0.18
CA LEU A 32 16.00 -22.19 -0.99
C LEU A 32 14.64 -22.14 -1.66
N VAL A 33 14.36 -21.02 -2.33
CA VAL A 33 13.06 -20.86 -2.99
C VAL A 33 13.17 -20.07 -4.26
N CYS A 34 12.23 -20.33 -5.17
CA CYS A 34 12.12 -19.56 -6.41
C CYS A 34 10.64 -19.38 -6.66
N GLY A 35 10.26 -18.19 -7.06
CA GLY A 35 8.86 -17.93 -7.30
C GLY A 35 8.51 -17.68 -8.75
N PHE A 36 7.29 -18.06 -9.09
CA PHE A 36 6.78 -17.89 -10.44
C PHE A 36 5.35 -17.41 -10.29
N ASP A 37 5.01 -16.31 -10.97
CA ASP A 37 3.64 -15.81 -10.89
C ASP A 37 2.78 -16.28 -12.04
N PRO A 38 1.46 -16.39 -11.79
CA PRO A 38 0.49 -16.83 -12.79
C PRO A 38 0.15 -15.74 -13.82
N THR A 39 0.94 -15.63 -14.87
CA THR A 39 0.69 -14.63 -15.91
C THR A 39 -0.02 -15.32 -17.09
N ALA A 40 0.20 -16.63 -17.19
CA ALA A 40 -0.37 -17.47 -18.26
C ALA A 40 -0.81 -18.80 -17.67
N ASP A 41 -1.29 -19.72 -18.53
CA ASP A 41 -1.73 -21.04 -18.06
C ASP A 41 -0.60 -22.06 -18.21
N SER A 42 0.61 -21.55 -18.36
CA SER A 42 1.81 -22.36 -18.51
C SER A 42 3.02 -21.44 -18.37
N LEU A 43 4.18 -22.03 -18.08
CA LEU A 43 5.40 -21.26 -17.96
C LEU A 43 6.06 -21.36 -19.34
N HIS A 44 7.16 -20.66 -19.55
CA HIS A 44 7.85 -20.75 -20.83
C HIS A 44 9.33 -21.05 -20.73
N LEU A 45 10.05 -20.82 -21.83
CA LEU A 45 11.47 -21.11 -21.88
C LEU A 45 12.26 -20.28 -20.88
N GLY A 46 11.79 -19.07 -20.60
CA GLY A 46 12.50 -18.21 -19.67
C GLY A 46 12.55 -18.79 -18.28
N HIS A 47 11.36 -19.16 -17.81
CA HIS A 47 11.13 -19.73 -16.49
C HIS A 47 11.93 -21.00 -16.23
N LEU A 48 12.21 -21.74 -17.29
CA LEU A 48 12.95 -22.99 -17.15
C LEU A 48 14.38 -22.75 -16.64
N VAL A 49 14.87 -21.53 -16.77
CA VAL A 49 16.23 -21.27 -16.31
C VAL A 49 16.27 -21.39 -14.78
N PRO A 50 15.58 -20.49 -14.06
CA PRO A 50 15.56 -20.52 -12.59
C PRO A 50 15.13 -21.89 -12.09
N LEU A 51 14.04 -22.40 -12.66
CA LEU A 51 13.51 -23.69 -12.26
C LEU A 51 14.60 -24.73 -12.30
N LEU A 52 15.26 -24.86 -13.43
CA LEU A 52 16.32 -25.83 -13.58
C LEU A 52 17.41 -25.58 -12.54
N CYS A 53 17.52 -24.33 -12.11
CA CYS A 53 18.51 -23.96 -11.13
C CYS A 53 18.17 -24.55 -9.76
N LEU A 54 16.90 -24.56 -9.38
CA LEU A 54 16.54 -25.18 -8.12
C LEU A 54 17.03 -26.63 -8.14
N LYS A 55 16.65 -27.37 -9.19
CA LYS A 55 17.08 -28.75 -9.33
C LYS A 55 18.60 -28.85 -9.17
N ARG A 56 19.34 -27.91 -9.76
CA ARG A 56 20.80 -27.91 -9.64
C ARG A 56 21.21 -27.82 -8.18
N PHE A 57 20.50 -27.00 -7.41
CA PHE A 57 20.79 -26.85 -5.99
C PHE A 57 20.41 -28.14 -5.29
N GLN A 58 19.23 -28.65 -5.61
CA GLN A 58 18.76 -29.88 -5.01
C GLN A 58 19.82 -30.96 -5.16
N GLN A 59 20.27 -31.21 -6.37
CA GLN A 59 21.27 -32.22 -6.60
C GLN A 59 22.54 -32.03 -5.78
N ALA A 60 22.81 -30.78 -5.39
CA ALA A 60 24.00 -30.51 -4.59
C ALA A 60 23.66 -30.86 -3.14
N GLY A 61 22.43 -31.35 -2.96
CA GLY A 61 21.97 -31.75 -1.64
C GLY A 61 21.02 -30.78 -0.94
N HIS A 62 20.70 -29.66 -1.56
CA HIS A 62 19.82 -28.70 -0.92
C HIS A 62 18.34 -29.00 -1.15
N LYS A 63 17.46 -28.30 -0.43
CA LYS A 63 16.02 -28.50 -0.53
C LYS A 63 15.39 -27.32 -1.27
N PRO A 64 14.80 -27.57 -2.44
CA PRO A 64 14.19 -26.50 -3.21
C PRO A 64 12.75 -26.27 -2.83
N VAL A 65 12.35 -25.01 -2.82
CA VAL A 65 10.99 -24.65 -2.53
C VAL A 65 10.51 -23.96 -3.80
N ALA A 66 9.55 -24.58 -4.48
CA ALA A 66 9.01 -23.99 -5.70
C ALA A 66 7.73 -23.28 -5.30
N LEU A 67 7.72 -21.96 -5.42
CA LEU A 67 6.53 -21.18 -5.04
C LEU A 67 5.82 -20.53 -6.21
N VAL A 68 4.51 -20.75 -6.26
CA VAL A 68 3.66 -20.16 -7.29
C VAL A 68 2.91 -19.02 -6.61
N GLY A 69 2.97 -17.84 -7.21
CA GLY A 69 2.32 -16.66 -6.64
C GLY A 69 0.82 -16.55 -6.72
N GLY A 70 0.10 -17.47 -6.08
CA GLY A 70 -1.35 -17.43 -6.09
C GLY A 70 -1.89 -16.10 -5.61
N ALA A 71 -1.09 -15.33 -4.90
CA ALA A 71 -1.53 -14.03 -4.42
C ALA A 71 -0.88 -12.91 -5.21
N THR A 72 0.43 -12.96 -5.37
CA THR A 72 1.12 -11.91 -6.11
C THR A 72 0.63 -11.86 -7.57
N GLY A 73 0.06 -12.97 -8.04
CA GLY A 73 -0.46 -13.02 -9.39
C GLY A 73 -1.75 -12.24 -9.53
N LEU A 74 -2.29 -11.80 -8.40
CA LEU A 74 -3.51 -11.00 -8.43
C LEU A 74 -3.11 -9.53 -8.38
N ILE A 75 -1.82 -9.26 -8.25
CA ILE A 75 -1.33 -7.87 -8.17
C ILE A 75 -0.45 -7.44 -9.36
N GLY A 76 0.54 -8.26 -9.69
CA GLY A 76 1.41 -7.97 -10.83
C GLY A 76 2.75 -7.32 -10.58
N ASP A 77 3.82 -8.07 -10.78
CA ASP A 77 5.15 -7.54 -10.57
C ASP A 77 5.44 -6.52 -11.66
N PRO A 78 5.75 -5.27 -11.28
CA PRO A 78 6.06 -4.19 -12.22
C PRO A 78 7.54 -4.10 -12.50
N SER A 79 8.30 -5.03 -11.94
CA SER A 79 9.74 -5.03 -12.10
C SER A 79 10.19 -4.95 -13.56
N PHE A 80 10.87 -3.85 -13.87
CA PHE A 80 11.40 -3.57 -15.20
C PHE A 80 10.39 -3.64 -16.31
N LYS A 81 9.12 -3.61 -15.94
CA LYS A 81 8.02 -3.63 -16.89
C LYS A 81 7.78 -2.17 -17.20
N ALA A 82 7.79 -1.85 -18.49
CA ALA A 82 7.61 -0.47 -18.91
C ALA A 82 6.20 0.04 -18.71
N ALA A 83 5.22 -0.83 -18.91
CA ALA A 83 3.83 -0.43 -18.80
C ALA A 83 3.02 -1.19 -17.79
N GLU A 84 2.11 -0.47 -17.12
CA GLU A 84 1.24 -1.08 -16.13
C GLU A 84 0.71 -2.39 -16.69
N ARG A 85 0.39 -3.34 -15.81
CA ARG A 85 -0.13 -4.62 -16.24
C ARG A 85 -1.63 -4.63 -15.92
N LYS A 86 -2.39 -5.47 -16.59
CA LYS A 86 -3.82 -5.54 -16.36
C LYS A 86 -4.13 -6.71 -15.44
N LEU A 87 -5.09 -6.50 -14.54
CA LEU A 87 -5.49 -7.51 -13.56
C LEU A 87 -6.33 -8.65 -14.09
N ASN A 88 -5.90 -9.88 -13.86
CA ASN A 88 -6.67 -11.03 -14.30
C ASN A 88 -7.64 -11.46 -13.23
N THR A 89 -8.78 -12.01 -13.66
CA THR A 89 -9.78 -12.46 -12.71
C THR A 89 -9.23 -13.43 -11.68
N GLU A 90 -9.85 -13.42 -10.51
CA GLU A 90 -9.45 -14.28 -9.41
C GLU A 90 -9.56 -15.74 -9.85
N GLU A 91 -10.61 -16.03 -10.62
CA GLU A 91 -10.87 -17.38 -11.12
C GLU A 91 -9.86 -17.88 -12.15
N THR A 92 -9.47 -17.00 -13.06
CA THR A 92 -8.49 -17.35 -14.09
C THR A 92 -7.13 -17.64 -13.46
N VAL A 93 -6.71 -16.80 -12.52
CA VAL A 93 -5.42 -17.01 -11.90
C VAL A 93 -5.40 -18.35 -11.19
N GLN A 94 -6.50 -18.66 -10.49
CA GLN A 94 -6.57 -19.92 -9.79
C GLN A 94 -6.26 -21.03 -10.78
N GLU A 95 -7.03 -21.10 -11.87
CA GLU A 95 -6.84 -22.11 -12.93
C GLU A 95 -5.37 -22.17 -13.36
N TRP A 96 -4.82 -21.01 -13.67
CA TRP A 96 -3.43 -20.94 -14.09
C TRP A 96 -2.53 -21.45 -12.96
N VAL A 97 -2.76 -20.95 -11.76
CA VAL A 97 -1.97 -21.34 -10.62
C VAL A 97 -1.82 -22.86 -10.57
N ASP A 98 -2.95 -23.55 -10.69
CA ASP A 98 -2.94 -25.00 -10.67
C ASP A 98 -2.17 -25.68 -11.80
N LYS A 99 -2.26 -25.11 -13.00
CA LYS A 99 -1.57 -25.68 -14.13
C LYS A 99 -0.06 -25.59 -13.93
N ILE A 100 0.38 -24.55 -13.23
CA ILE A 100 1.81 -24.35 -12.98
C ILE A 100 2.36 -25.31 -11.94
N ARG A 101 1.67 -25.45 -10.81
CA ARG A 101 2.14 -26.33 -9.75
C ARG A 101 2.49 -27.64 -10.37
N LYS A 102 1.48 -28.25 -10.97
CA LYS A 102 1.63 -29.54 -11.62
C LYS A 102 2.73 -29.54 -12.67
N GLN A 103 2.83 -28.46 -13.43
CA GLN A 103 3.84 -28.33 -14.47
C GLN A 103 5.27 -28.28 -13.93
N VAL A 104 5.43 -27.69 -12.76
CA VAL A 104 6.73 -27.55 -12.12
C VAL A 104 7.18 -28.82 -11.41
N ALA A 105 6.23 -29.55 -10.86
CA ALA A 105 6.48 -30.79 -10.12
C ALA A 105 7.50 -31.73 -10.75
N PRO A 106 7.22 -32.22 -11.98
CA PRO A 106 8.12 -33.16 -12.66
C PRO A 106 9.59 -32.75 -12.74
N PHE A 107 9.89 -31.48 -12.50
CA PHE A 107 11.27 -31.02 -12.58
C PHE A 107 12.10 -31.17 -11.32
N LEU A 108 11.48 -31.66 -10.24
CA LEU A 108 12.16 -31.81 -8.96
C LEU A 108 11.78 -33.09 -8.20
N ASP A 109 12.76 -33.72 -7.55
CA ASP A 109 12.51 -34.93 -6.77
C ASP A 109 11.67 -34.50 -5.58
N PHE A 110 10.43 -34.97 -5.52
CA PHE A 110 9.56 -34.62 -4.42
C PHE A 110 9.55 -35.73 -3.38
N ASP A 111 10.63 -36.49 -3.40
CA ASP A 111 10.80 -37.57 -2.45
C ASP A 111 12.19 -38.17 -2.51
N CYS A 112 12.88 -37.96 -1.41
CA CYS A 112 14.24 -38.43 -1.17
C CYS A 112 14.44 -37.94 0.26
N GLY A 113 13.33 -37.96 1.01
CA GLY A 113 13.33 -37.54 2.39
C GLY A 113 14.02 -36.20 2.56
N GLU A 114 15.16 -36.23 3.25
CA GLU A 114 15.95 -35.03 3.51
C GLU A 114 15.59 -33.81 2.68
N ASN A 115 16.05 -33.78 1.43
CA ASN A 115 15.82 -32.64 0.57
C ASN A 115 14.71 -32.79 -0.48
N SER A 116 13.59 -33.37 -0.07
CA SER A 116 12.46 -33.51 -0.97
C SER A 116 12.01 -32.09 -1.25
N ALA A 117 11.51 -31.86 -2.46
CA ALA A 117 11.05 -30.53 -2.85
C ALA A 117 9.72 -30.14 -2.19
N ILE A 118 9.49 -28.83 -2.08
CA ILE A 118 8.27 -28.30 -1.48
C ILE A 118 7.55 -27.33 -2.41
N ALA A 119 6.26 -27.57 -2.64
CA ALA A 119 5.48 -26.67 -3.47
C ALA A 119 4.85 -25.67 -2.48
N ALA A 120 4.89 -24.38 -2.83
CA ALA A 120 4.34 -23.37 -1.96
C ALA A 120 3.52 -22.35 -2.72
N ASN A 121 2.49 -21.80 -2.05
CA ASN A 121 1.62 -20.79 -2.64
C ASN A 121 1.38 -19.67 -1.64
N ASN A 122 1.78 -18.44 -1.99
CA ASN A 122 1.59 -17.31 -1.08
C ASN A 122 0.16 -16.88 -0.88
N TYR A 123 -0.78 -17.55 -1.55
CA TYR A 123 -2.19 -17.19 -1.37
C TYR A 123 -2.50 -17.76 0.01
N ASP A 124 -1.75 -18.79 0.37
CA ASP A 124 -1.90 -19.45 1.65
C ASP A 124 -1.90 -18.44 2.78
N TRP A 125 -1.05 -17.43 2.69
CA TRP A 125 -0.98 -16.41 3.73
C TRP A 125 -1.57 -15.04 3.39
N PHE A 126 -1.29 -14.50 2.20
CA PHE A 126 -1.85 -13.21 1.84
C PHE A 126 -3.32 -13.32 1.49
N GLY A 127 -3.77 -14.55 1.26
CA GLY A 127 -5.14 -14.81 0.87
C GLY A 127 -6.24 -14.43 1.84
N ASN A 128 -5.92 -14.42 3.13
CA ASN A 128 -6.88 -14.07 4.17
C ASN A 128 -6.19 -13.19 5.21
N MET A 129 -5.45 -12.21 4.72
CA MET A 129 -4.73 -11.29 5.59
C MET A 129 -5.44 -9.94 5.57
N ASN A 130 -5.80 -9.44 6.75
CA ASN A 130 -6.49 -8.15 6.83
C ASN A 130 -5.61 -7.08 6.22
N VAL A 131 -6.22 -6.07 5.62
CA VAL A 131 -5.44 -5.02 5.01
C VAL A 131 -4.69 -4.24 6.08
N LEU A 132 -5.40 -3.90 7.17
CA LEU A 132 -4.80 -3.12 8.25
C LEU A 132 -3.61 -3.89 8.80
N THR A 133 -3.81 -5.18 9.06
CA THR A 133 -2.73 -6.00 9.55
C THR A 133 -1.51 -5.84 8.63
N PHE A 134 -1.74 -6.06 7.34
CA PHE A 134 -0.69 -5.95 6.31
C PHE A 134 0.00 -4.59 6.32
N LEU A 135 -0.77 -3.51 6.37
CA LEU A 135 -0.17 -2.17 6.37
C LEU A 135 0.69 -1.97 7.62
N ARG A 136 0.12 -2.23 8.78
CA ARG A 136 0.85 -2.08 10.02
C ARG A 136 2.13 -2.92 10.13
N ASP A 137 1.95 -4.23 10.30
CA ASP A 137 3.06 -5.17 10.49
C ASP A 137 4.15 -5.24 9.43
N ILE A 138 3.78 -5.10 8.16
CA ILE A 138 4.78 -5.16 7.09
C ILE A 138 5.09 -3.75 6.59
N GLY A 139 4.04 -2.99 6.33
CA GLY A 139 4.19 -1.63 5.83
C GLY A 139 5.12 -0.72 6.60
N LYS A 140 5.08 -0.80 7.92
CA LYS A 140 5.91 0.04 8.76
C LYS A 140 7.40 -0.19 8.54
N HIS A 141 7.74 -1.26 7.83
CA HIS A 141 9.15 -1.58 7.56
C HIS A 141 9.63 -1.17 6.18
N PHE A 142 8.82 -0.39 5.47
CA PHE A 142 9.22 0.06 4.15
C PHE A 142 9.14 1.56 3.99
N SER A 143 10.22 2.11 3.43
CA SER A 143 10.33 3.53 3.19
C SER A 143 9.99 3.85 1.75
N VAL A 144 8.99 4.72 1.56
CA VAL A 144 8.59 5.10 0.22
C VAL A 144 9.77 5.76 -0.49
N ASN A 145 10.51 6.58 0.24
CA ASN A 145 11.67 7.27 -0.32
C ASN A 145 12.54 6.30 -1.09
N GLN A 146 12.94 5.21 -0.44
CA GLN A 146 13.79 4.22 -1.09
C GLN A 146 13.02 3.27 -1.98
N MET A 147 11.75 3.02 -1.64
CA MET A 147 10.94 2.14 -2.48
C MET A 147 11.02 2.79 -3.85
N ILE A 148 10.92 4.13 -3.84
CA ILE A 148 10.97 4.96 -5.04
C ILE A 148 12.20 4.80 -5.92
N ASN A 149 13.39 4.82 -5.32
CA ASN A 149 14.60 4.71 -6.12
C ASN A 149 15.15 3.30 -6.32
N LYS A 150 14.27 2.32 -6.39
CA LYS A 150 14.72 0.97 -6.66
C LYS A 150 14.71 0.88 -8.17
N GLU A 151 15.78 0.31 -8.73
CA GLU A 151 15.91 0.16 -10.17
C GLU A 151 14.69 -0.47 -10.83
N ALA A 152 14.12 -1.48 -10.19
CA ALA A 152 12.98 -2.19 -10.74
C ALA A 152 11.71 -1.37 -10.97
N VAL A 153 11.63 -0.15 -10.41
CA VAL A 153 10.46 0.70 -10.61
C VAL A 153 10.82 2.17 -10.80
N LYS A 154 12.08 2.49 -10.56
CA LYS A 154 12.60 3.84 -10.69
C LYS A 154 12.05 4.60 -11.90
N GLN A 155 12.28 4.09 -13.10
CA GLN A 155 11.84 4.74 -14.33
C GLN A 155 10.35 5.02 -14.47
N ARG A 156 9.49 4.08 -14.07
CA ARG A 156 8.06 4.32 -14.22
C ARG A 156 7.58 5.51 -13.40
N LEU A 157 8.30 5.82 -12.32
CA LEU A 157 7.93 6.94 -11.47
C LEU A 157 8.38 8.26 -12.10
N ASN A 158 9.63 8.30 -12.52
CA ASN A 158 10.15 9.51 -13.15
C ASN A 158 9.82 9.47 -14.62
N ARG A 159 8.69 10.08 -14.97
CA ARG A 159 8.23 10.15 -16.35
C ARG A 159 6.87 10.82 -16.37
N GLU A 160 6.78 12.00 -16.98
CA GLU A 160 5.52 12.73 -17.05
C GLU A 160 4.57 11.94 -17.96
N ASP A 161 5.10 10.91 -18.60
CA ASP A 161 4.31 10.07 -19.49
C ASP A 161 3.97 8.73 -18.86
N GLN A 162 4.97 8.09 -18.26
CA GLN A 162 4.76 6.79 -17.63
C GLN A 162 4.30 6.92 -16.18
N GLY A 163 3.84 5.81 -15.62
CA GLY A 163 3.38 5.81 -14.24
C GLY A 163 3.24 4.41 -13.70
N ILE A 164 2.67 4.29 -12.51
CA ILE A 164 2.47 2.98 -11.88
C ILE A 164 1.45 3.06 -10.75
N SER A 165 0.55 2.07 -10.68
CA SER A 165 -0.48 2.05 -9.66
C SER A 165 0.02 1.72 -8.26
N PHE A 166 -0.74 2.16 -7.27
CA PHE A 166 -0.41 1.90 -5.88
C PHE A 166 -0.26 0.39 -5.71
N THR A 167 -1.12 -0.32 -6.42
CA THR A 167 -1.16 -1.77 -6.44
C THR A 167 0.20 -2.39 -6.72
N GLU A 168 0.67 -2.23 -7.95
CA GLU A 168 1.94 -2.81 -8.36
C GLU A 168 3.12 -2.23 -7.57
N PHE A 169 2.92 -1.05 -7.00
CA PHE A 169 3.95 -0.39 -6.19
C PHE A 169 4.16 -1.17 -4.89
N SER A 170 3.08 -1.81 -4.43
CA SER A 170 3.11 -2.60 -3.21
C SER A 170 3.61 -4.02 -3.45
N TYR A 171 3.57 -4.45 -4.69
CA TYR A 171 4.03 -5.79 -5.05
C TYR A 171 5.31 -6.14 -4.26
N ASN A 172 6.23 -5.19 -4.21
CA ASN A 172 7.52 -5.35 -3.52
C ASN A 172 7.39 -5.88 -2.10
N LEU A 173 6.45 -5.35 -1.33
CA LEU A 173 6.28 -5.83 0.03
C LEU A 173 5.87 -7.30 0.11
N LEU A 174 4.91 -7.72 -0.72
CA LEU A 174 4.45 -9.10 -0.68
C LEU A 174 5.54 -10.11 -1.00
N GLN A 175 6.35 -9.85 -2.02
CA GLN A 175 7.42 -10.78 -2.32
C GLN A 175 8.45 -10.70 -1.20
N GLY A 176 8.64 -9.50 -0.67
CA GLY A 176 9.57 -9.27 0.42
C GLY A 176 9.12 -10.08 1.62
N TYR A 177 7.83 -10.00 1.93
CA TYR A 177 7.26 -10.74 3.05
C TYR A 177 7.39 -12.25 2.82
N ASP A 178 7.05 -12.69 1.60
CA ASP A 178 7.14 -14.10 1.23
C ASP A 178 8.45 -14.70 1.74
N PHE A 179 9.54 -13.94 1.60
CA PHE A 179 10.85 -14.43 2.03
C PHE A 179 10.87 -14.68 3.53
N ALA A 180 10.56 -13.63 4.29
CA ALA A 180 10.53 -13.73 5.74
C ALA A 180 9.55 -14.83 6.16
N CYS A 181 8.42 -14.92 5.46
CA CYS A 181 7.43 -15.93 5.80
C CYS A 181 7.91 -17.35 5.49
N LEU A 182 8.64 -17.50 4.38
CA LEU A 182 9.14 -18.82 4.01
C LEU A 182 10.34 -19.16 4.87
N ASN A 183 10.94 -18.14 5.46
CA ASN A 183 12.08 -18.38 6.30
C ASN A 183 11.58 -18.82 7.67
N LYS A 184 10.59 -18.10 8.18
CA LYS A 184 10.05 -18.41 9.49
C LYS A 184 9.58 -19.85 9.58
N GLN A 185 8.89 -20.32 8.54
CA GLN A 185 8.35 -21.67 8.58
C GLN A 185 9.05 -22.80 7.85
N TYR A 186 10.07 -22.50 7.04
CA TYR A 186 10.77 -23.60 6.37
C TYR A 186 12.29 -23.53 6.49
N GLY A 187 12.79 -22.46 7.08
CA GLY A 187 14.23 -22.36 7.20
C GLY A 187 14.87 -21.88 5.91
N VAL A 188 14.06 -21.41 4.96
CA VAL A 188 14.59 -20.94 3.70
C VAL A 188 15.55 -19.78 3.95
N VAL A 189 16.80 -19.94 3.54
CA VAL A 189 17.79 -18.88 3.76
C VAL A 189 18.34 -18.33 2.45
N LEU A 190 17.80 -18.82 1.35
CA LEU A 190 18.23 -18.37 0.03
C LEU A 190 17.04 -18.23 -0.91
N CYS A 191 17.05 -17.18 -1.72
CA CYS A 191 15.99 -16.96 -2.70
C CYS A 191 16.71 -16.66 -4.01
N ILE A 192 16.37 -17.40 -5.06
CA ILE A 192 17.01 -17.22 -6.37
C ILE A 192 16.00 -16.79 -7.42
N GLY A 193 16.49 -16.10 -8.44
CA GLY A 193 15.63 -15.65 -9.51
C GLY A 193 16.43 -14.96 -10.60
N GLY A 194 15.74 -14.51 -11.64
CA GLY A 194 16.42 -13.83 -12.71
C GLY A 194 16.80 -12.42 -12.27
N SER A 195 17.80 -11.84 -12.94
CA SER A 195 18.28 -10.50 -12.65
C SER A 195 17.22 -9.50 -12.23
N ASP A 196 16.18 -9.35 -13.04
CA ASP A 196 15.09 -8.42 -12.76
C ASP A 196 14.54 -8.52 -11.33
N GLN A 197 14.48 -9.74 -10.82
CA GLN A 197 13.96 -9.98 -9.48
C GLN A 197 14.81 -9.49 -8.31
N TRP A 198 16.06 -9.12 -8.60
CA TRP A 198 16.97 -8.67 -7.56
C TRP A 198 16.35 -7.77 -6.52
N GLY A 199 15.89 -6.59 -6.94
CA GLY A 199 15.28 -5.66 -6.01
C GLY A 199 14.22 -6.27 -5.11
N ASN A 200 13.39 -7.14 -5.69
CA ASN A 200 12.35 -7.81 -4.92
C ASN A 200 12.99 -8.67 -3.85
N ILE A 201 14.03 -9.42 -4.22
CA ILE A 201 14.74 -10.28 -3.28
C ILE A 201 15.40 -9.44 -2.19
N THR A 202 16.00 -8.34 -2.61
CA THR A 202 16.66 -7.40 -1.71
C THR A 202 15.71 -7.05 -0.58
N SER A 203 14.57 -6.48 -0.95
CA SER A 203 13.59 -6.10 0.04
C SER A 203 13.34 -7.30 0.93
N GLY A 204 13.43 -8.49 0.35
CA GLY A 204 13.16 -9.71 1.09
C GLY A 204 14.16 -10.07 2.18
N ILE A 205 15.43 -9.82 1.88
CA ILE A 205 16.49 -10.10 2.81
C ILE A 205 16.42 -9.06 3.94
N ASP A 206 15.98 -7.86 3.59
CA ASP A 206 15.87 -6.80 4.56
C ASP A 206 14.71 -7.04 5.53
N LEU A 207 13.53 -7.36 5.01
CA LEU A 207 12.40 -7.59 5.90
C LEU A 207 12.72 -8.72 6.87
N THR A 208 13.19 -9.84 6.32
CA THR A 208 13.55 -11.02 7.10
C THR A 208 14.48 -10.66 8.25
N ARG A 209 15.36 -9.70 8.01
CA ARG A 209 16.27 -9.25 9.04
C ARG A 209 15.48 -8.53 10.14
N ARG A 210 14.79 -7.44 9.77
CA ARG A 210 14.04 -6.69 10.77
C ARG A 210 12.83 -7.36 11.38
N LEU A 211 12.46 -8.53 10.90
CA LEU A 211 11.32 -9.26 11.46
C LEU A 211 11.77 -10.44 12.31
N HIS A 212 12.82 -11.13 11.86
CA HIS A 212 13.31 -12.29 12.59
C HIS A 212 14.78 -12.22 12.92
N GLN A 213 15.45 -11.20 12.41
CA GLN A 213 16.89 -11.03 12.65
C GLN A 213 17.68 -12.25 12.19
N ASN A 214 17.45 -12.67 10.95
CA ASN A 214 18.17 -13.81 10.37
C ASN A 214 18.91 -13.33 9.12
N GLN A 215 20.19 -13.67 8.98
CA GLN A 215 20.91 -13.24 7.79
C GLN A 215 20.50 -14.18 6.68
N VAL A 216 19.66 -13.68 5.78
CA VAL A 216 19.19 -14.49 4.68
C VAL A 216 19.98 -14.11 3.41
N PHE A 217 19.87 -14.92 2.36
CA PHE A 217 20.64 -14.65 1.14
C PHE A 217 19.90 -14.57 -0.18
N GLY A 218 20.50 -13.85 -1.12
CA GLY A 218 19.94 -13.69 -2.45
C GLY A 218 20.95 -13.95 -3.56
N LEU A 219 20.52 -14.65 -4.60
CA LEU A 219 21.37 -14.95 -5.75
C LEU A 219 20.58 -15.04 -7.06
N THR A 220 20.89 -14.16 -8.01
CA THR A 220 20.20 -14.13 -9.29
C THR A 220 20.98 -14.70 -10.46
N VAL A 221 20.27 -15.28 -11.42
CA VAL A 221 20.90 -15.82 -12.63
C VAL A 221 20.56 -14.81 -13.74
N PRO A 222 21.53 -14.52 -14.62
CA PRO A 222 21.22 -13.57 -15.69
C PRO A 222 20.01 -13.98 -16.54
N LEU A 223 19.35 -13.01 -17.16
CA LEU A 223 18.20 -13.28 -18.01
C LEU A 223 18.78 -13.72 -19.35
N ILE A 224 18.54 -14.97 -19.71
CA ILE A 224 19.10 -15.49 -20.94
C ILE A 224 18.52 -14.87 -22.19
N THR A 225 19.41 -14.30 -23.00
CA THR A 225 19.05 -13.64 -24.25
C THR A 225 19.75 -14.32 -25.41
N LYS A 226 19.13 -14.28 -26.59
CA LYS A 226 19.75 -14.85 -27.78
C LYS A 226 20.98 -13.99 -28.08
N ALA A 227 22.03 -14.64 -28.56
CA ALA A 227 23.27 -13.95 -28.88
C ALA A 227 23.04 -12.75 -29.78
N ASP A 228 22.14 -12.89 -30.75
CA ASP A 228 21.81 -11.80 -31.65
C ASP A 228 20.80 -10.87 -30.98
N GLY A 229 21.02 -10.64 -29.69
CA GLY A 229 20.16 -9.78 -28.91
C GLY A 229 18.72 -9.56 -29.35
N THR A 230 18.02 -10.64 -29.69
CA THR A 230 16.62 -10.49 -30.09
C THR A 230 15.71 -10.62 -28.86
N LYS A 231 15.09 -11.78 -28.72
CA LYS A 231 14.19 -12.03 -27.58
C LYS A 231 14.59 -13.33 -26.92
N PHE A 232 13.60 -14.18 -26.70
CA PHE A 232 13.76 -15.50 -26.12
C PHE A 232 12.41 -16.01 -25.67
N GLY A 233 12.14 -17.27 -25.97
CA GLY A 233 10.86 -17.85 -25.62
C GLY A 233 9.90 -17.47 -26.72
N LYS A 234 10.05 -16.25 -27.24
CA LYS A 234 9.20 -15.73 -28.31
C LYS A 234 9.79 -16.08 -29.67
N THR A 235 8.90 -16.30 -30.63
CA THR A 235 9.29 -16.65 -32.00
C THR A 235 8.38 -15.94 -33.02
N GLU A 236 7.79 -16.71 -33.92
CA GLU A 236 6.89 -16.17 -34.95
C GLU A 236 5.45 -16.38 -34.47
N GLY A 237 5.27 -17.41 -33.64
CA GLY A 237 3.95 -17.73 -33.12
C GLY A 237 3.77 -17.44 -31.64
N GLY A 238 4.84 -17.03 -30.97
CA GLY A 238 4.75 -16.72 -29.56
C GLY A 238 5.75 -17.44 -28.67
N ALA A 239 5.45 -17.46 -27.38
CA ALA A 239 6.32 -18.08 -26.38
C ALA A 239 6.42 -19.59 -26.51
N VAL A 240 7.60 -20.12 -26.19
CA VAL A 240 7.85 -21.56 -26.24
C VAL A 240 7.40 -22.15 -24.92
N TRP A 241 6.09 -22.33 -24.78
CA TRP A 241 5.53 -22.87 -23.55
C TRP A 241 6.07 -24.24 -23.22
N LEU A 242 6.02 -24.62 -21.95
CA LEU A 242 6.49 -25.95 -21.52
C LEU A 242 5.35 -26.94 -21.69
N ASP A 243 4.14 -26.38 -21.79
CA ASP A 243 2.91 -27.13 -21.97
C ASP A 243 2.87 -27.70 -23.40
N PRO A 244 2.97 -29.04 -23.54
CA PRO A 244 2.94 -29.70 -24.84
C PRO A 244 1.73 -29.29 -25.67
N LYS A 245 0.64 -28.99 -24.98
CA LYS A 245 -0.60 -28.58 -25.65
C LYS A 245 -0.42 -27.23 -26.32
N LYS A 246 0.44 -26.38 -25.75
CA LYS A 246 0.69 -25.04 -26.29
C LYS A 246 1.85 -25.03 -27.28
N THR A 247 2.75 -26.00 -27.13
CA THR A 247 3.89 -26.13 -28.02
C THR A 247 4.25 -27.60 -28.11
N SER A 248 3.89 -28.22 -29.23
CA SER A 248 4.13 -29.64 -29.43
C SER A 248 5.59 -30.02 -29.24
N PRO A 249 5.83 -31.23 -28.71
CA PRO A 249 7.18 -31.72 -28.47
C PRO A 249 7.96 -31.69 -29.78
N TYR A 250 7.27 -31.94 -30.88
CA TYR A 250 7.91 -31.92 -32.19
C TYR A 250 8.43 -30.50 -32.47
N LYS A 251 7.59 -29.51 -32.21
CA LYS A 251 7.93 -28.11 -32.41
C LYS A 251 8.97 -27.64 -31.42
N PHE A 252 8.87 -28.15 -30.19
CA PHE A 252 9.80 -27.81 -29.12
C PHE A 252 11.23 -28.23 -29.48
N TYR A 253 11.37 -29.46 -29.97
CA TYR A 253 12.67 -30.00 -30.38
C TYR A 253 13.18 -29.22 -31.61
N GLN A 254 12.30 -28.98 -32.57
CA GLN A 254 12.66 -28.25 -33.78
C GLN A 254 13.24 -26.90 -33.40
N PHE A 255 12.73 -26.35 -32.31
CA PHE A 255 13.19 -25.06 -31.80
C PHE A 255 14.67 -25.09 -31.46
N TRP A 256 15.05 -26.06 -30.62
CA TRP A 256 16.45 -26.16 -30.19
C TRP A 256 17.39 -26.49 -31.33
N ILE A 257 16.91 -27.21 -32.33
CA ILE A 257 17.76 -27.55 -33.46
C ILE A 257 18.17 -26.25 -34.15
N ASN A 258 17.21 -25.33 -34.23
CA ASN A 258 17.41 -24.06 -34.87
C ASN A 258 18.27 -23.04 -34.11
N THR A 259 18.93 -23.48 -33.05
CA THR A 259 19.74 -22.54 -32.27
C THR A 259 20.93 -22.09 -33.07
N ALA A 260 21.32 -20.84 -32.86
CA ALA A 260 22.47 -20.26 -33.54
C ALA A 260 23.77 -20.79 -32.96
N ASP A 261 24.84 -20.72 -33.74
CA ASP A 261 26.15 -21.20 -33.29
C ASP A 261 26.74 -20.38 -32.15
N ALA A 262 26.22 -19.17 -31.94
CA ALA A 262 26.74 -18.34 -30.88
C ALA A 262 25.97 -18.52 -29.60
N ASP A 263 24.99 -19.41 -29.62
CA ASP A 263 24.16 -19.67 -28.45
C ASP A 263 24.29 -21.11 -27.97
N VAL A 264 23.96 -22.04 -28.86
CA VAL A 264 23.99 -23.47 -28.58
C VAL A 264 24.91 -23.91 -27.46
N TYR A 265 26.08 -23.30 -27.35
CA TYR A 265 26.99 -23.71 -26.30
C TYR A 265 26.58 -23.19 -24.92
N ARG A 266 26.24 -21.91 -24.87
CA ARG A 266 25.78 -21.29 -23.63
C ARG A 266 24.50 -22.00 -23.22
N PHE A 267 23.62 -22.20 -24.19
CA PHE A 267 22.34 -22.87 -23.95
C PHE A 267 22.51 -24.28 -23.39
N LEU A 268 23.62 -24.93 -23.73
CA LEU A 268 23.87 -26.27 -23.21
C LEU A 268 24.24 -26.12 -21.73
N LYS A 269 24.85 -24.99 -21.39
CA LYS A 269 25.24 -24.74 -20.00
C LYS A 269 24.01 -24.35 -19.17
N PHE A 270 23.14 -23.51 -19.73
CA PHE A 270 21.95 -23.05 -19.03
C PHE A 270 20.82 -24.04 -18.94
N PHE A 271 20.69 -24.89 -19.94
CA PHE A 271 19.56 -25.81 -19.92
C PHE A 271 19.83 -27.27 -19.68
N THR A 272 21.08 -27.71 -19.71
CA THR A 272 21.36 -29.12 -19.49
C THR A 272 22.26 -29.36 -18.28
N PHE A 273 22.32 -30.62 -17.87
CA PHE A 273 23.15 -30.99 -16.73
C PHE A 273 24.44 -31.64 -17.21
N MET A 274 24.97 -31.12 -18.32
CA MET A 274 26.22 -31.64 -18.88
C MET A 274 27.39 -31.03 -18.14
N SER A 275 28.37 -31.86 -17.82
CA SER A 275 29.55 -31.39 -17.11
C SER A 275 30.11 -30.23 -17.92
N ILE A 276 30.19 -29.07 -17.30
CA ILE A 276 30.71 -27.90 -17.97
C ILE A 276 31.86 -28.33 -18.86
N GLU A 277 32.55 -29.38 -18.45
CA GLU A 277 33.67 -29.92 -19.22
C GLU A 277 33.22 -30.45 -20.58
N GLU A 278 32.44 -31.52 -20.57
CA GLU A 278 31.97 -32.11 -21.83
C GLU A 278 31.31 -31.11 -22.77
N ILE A 279 30.74 -30.05 -22.23
CA ILE A 279 30.11 -29.05 -23.07
C ILE A 279 31.23 -28.35 -23.83
N ASN A 280 32.36 -28.14 -23.16
CA ASN A 280 33.51 -27.49 -23.79
C ASN A 280 34.12 -28.46 -24.80
N ALA A 281 34.08 -29.74 -24.44
CA ALA A 281 34.59 -30.81 -25.29
C ALA A 281 33.78 -30.79 -26.57
N LEU A 282 32.46 -30.72 -26.40
CA LEU A 282 31.53 -30.69 -27.52
C LEU A 282 31.80 -29.48 -28.41
N GLU A 283 32.07 -28.33 -27.78
CA GLU A 283 32.36 -27.12 -28.53
C GLU A 283 33.61 -27.36 -29.37
N GLU A 284 34.70 -27.71 -28.70
CA GLU A 284 35.96 -28.01 -29.37
C GLU A 284 35.77 -29.04 -30.49
N GLU A 285 35.07 -30.12 -30.16
CA GLU A 285 34.79 -31.20 -31.11
C GLU A 285 34.11 -30.68 -32.37
N ASP A 286 33.22 -29.70 -32.17
CA ASP A 286 32.46 -29.10 -33.26
C ASP A 286 33.29 -28.16 -34.10
N LYS A 287 34.17 -27.42 -33.44
CA LYS A 287 35.05 -26.44 -34.08
C LYS A 287 36.02 -27.07 -35.08
N ASN A 288 36.73 -28.10 -34.65
CA ASN A 288 37.71 -28.80 -35.47
C ASN A 288 37.09 -29.82 -36.41
N SER A 289 35.80 -30.06 -36.24
CA SER A 289 35.10 -31.02 -37.08
C SER A 289 34.78 -30.34 -38.41
N GLY A 290 35.06 -31.02 -39.51
CA GLY A 290 34.75 -30.47 -40.81
C GLY A 290 33.28 -30.75 -41.05
N LYS A 291 32.71 -31.49 -40.10
CA LYS A 291 31.32 -31.89 -40.15
C LYS A 291 30.44 -30.79 -39.58
N ALA A 292 29.14 -31.02 -39.61
CA ALA A 292 28.18 -30.06 -39.10
C ALA A 292 28.33 -30.02 -37.58
N PRO A 293 27.77 -29.00 -36.92
CA PRO A 293 27.89 -28.93 -35.47
C PRO A 293 26.84 -29.88 -34.84
N ARG A 294 27.27 -30.76 -33.94
CA ARG A 294 26.33 -31.68 -33.31
C ARG A 294 25.74 -31.14 -32.01
N ALA A 295 26.24 -29.99 -31.59
CA ALA A 295 25.77 -29.34 -30.38
C ALA A 295 24.25 -29.15 -30.35
N GLN A 296 23.67 -28.70 -31.46
CA GLN A 296 22.22 -28.47 -31.53
C GLN A 296 21.44 -29.76 -31.29
N TYR A 297 21.87 -30.84 -31.95
CA TYR A 297 21.25 -32.15 -31.82
C TYR A 297 21.26 -32.53 -30.33
N VAL A 298 22.40 -32.31 -29.68
CA VAL A 298 22.54 -32.60 -28.26
C VAL A 298 21.51 -31.75 -27.52
N LEU A 299 21.71 -30.44 -27.58
CA LEU A 299 20.82 -29.50 -26.94
C LEU A 299 19.35 -29.89 -27.12
N ALA A 300 18.95 -30.16 -28.36
CA ALA A 300 17.57 -30.54 -28.64
C ALA A 300 17.13 -31.78 -27.87
N GLU A 301 17.96 -32.82 -27.91
CA GLU A 301 17.64 -34.06 -27.24
C GLU A 301 17.51 -33.91 -25.73
N GLN A 302 18.51 -33.30 -25.12
CA GLN A 302 18.53 -33.11 -23.68
C GLN A 302 17.35 -32.33 -23.11
N VAL A 303 17.04 -31.20 -23.72
CA VAL A 303 15.94 -30.36 -23.24
C VAL A 303 14.58 -30.99 -23.47
N THR A 304 14.35 -31.46 -24.68
CA THR A 304 13.08 -32.09 -25.04
C THR A 304 12.79 -33.23 -24.09
N ARG A 305 13.85 -33.87 -23.62
CA ARG A 305 13.72 -35.00 -22.69
C ARG A 305 13.43 -34.49 -21.28
N LEU A 306 14.14 -33.45 -20.85
CA LEU A 306 13.94 -32.85 -19.52
C LEU A 306 12.52 -32.37 -19.39
N VAL A 307 12.04 -31.73 -20.44
CA VAL A 307 10.70 -31.17 -20.43
C VAL A 307 9.58 -32.14 -20.83
N HIS A 308 9.89 -33.17 -21.61
CA HIS A 308 8.84 -34.09 -22.05
C HIS A 308 9.12 -35.58 -21.94
N GLY A 309 10.23 -35.95 -21.31
CA GLY A 309 10.57 -37.36 -21.15
C GLY A 309 10.71 -38.10 -22.46
N GLU A 310 11.29 -39.29 -22.41
CA GLU A 310 11.50 -40.07 -23.63
C GLU A 310 10.27 -40.03 -24.53
N GLU A 311 9.08 -40.02 -23.92
CA GLU A 311 7.83 -39.99 -24.68
C GLU A 311 7.86 -38.83 -25.65
N GLY A 312 8.06 -37.63 -25.12
CA GLY A 312 8.09 -36.45 -25.96
C GLY A 312 9.22 -36.46 -26.98
N LEU A 313 10.35 -37.05 -26.63
CA LEU A 313 11.47 -37.11 -27.55
C LEU A 313 11.06 -38.03 -28.70
N GLN A 314 10.50 -39.18 -28.34
CA GLN A 314 10.02 -40.15 -29.31
C GLN A 314 9.05 -39.48 -30.27
N ALA A 315 8.29 -38.52 -29.75
CA ALA A 315 7.30 -37.78 -30.54
C ALA A 315 8.01 -36.75 -31.41
N ALA A 316 8.95 -36.05 -30.80
CA ALA A 316 9.70 -35.02 -31.49
C ALA A 316 10.21 -35.53 -32.82
N LYS A 317 10.37 -36.84 -32.93
CA LYS A 317 10.89 -37.43 -34.14
C LYS A 317 9.89 -38.26 -34.96
N ARG A 318 8.66 -37.77 -35.05
CA ARG A 318 7.61 -38.44 -35.85
C ARG A 318 6.37 -37.57 -36.14
N ASN B 1 -25.90 30.76 -0.25
CA ASN B 1 -26.70 30.77 1.02
C ASN B 1 -25.84 30.32 2.18
N LEU B 2 -25.91 29.03 2.52
CA LEU B 2 -25.15 28.47 3.64
C LEU B 2 -23.65 28.58 3.47
N ILE B 3 -23.17 28.30 2.27
CA ILE B 3 -21.74 28.39 2.04
C ILE B 3 -21.26 29.78 2.38
N LYS B 4 -21.90 30.79 1.80
CA LYS B 4 -21.47 32.15 2.07
C LYS B 4 -21.66 32.56 3.53
N GLN B 5 -22.67 32.00 4.20
CA GLN B 5 -22.92 32.33 5.61
C GLN B 5 -21.70 31.92 6.44
N LEU B 6 -21.17 30.74 6.14
CA LEU B 6 -20.00 30.22 6.84
C LEU B 6 -18.77 31.06 6.50
N GLN B 7 -18.77 31.69 5.34
CA GLN B 7 -17.64 32.52 4.97
C GLN B 7 -17.67 33.77 5.85
N GLU B 8 -18.88 34.31 6.05
CA GLU B 8 -19.07 35.49 6.89
C GLU B 8 -18.29 35.39 8.19
N ARG B 9 -18.16 34.15 8.67
CA ARG B 9 -17.42 33.97 9.90
C ARG B 9 -16.14 33.22 9.67
N GLY B 10 -15.57 33.42 8.48
CA GLY B 10 -14.32 32.79 8.12
C GLY B 10 -14.15 31.34 8.57
N LEU B 11 -15.11 30.49 8.24
CA LEU B 11 -15.05 29.07 8.61
C LEU B 11 -14.80 28.20 7.38
N VAL B 12 -14.58 28.86 6.23
CA VAL B 12 -14.33 28.20 4.97
C VAL B 12 -12.94 28.55 4.45
N ALA B 13 -12.16 27.53 4.10
CA ALA B 13 -10.82 27.77 3.58
C ALA B 13 -10.84 27.46 2.08
N GLN B 14 -11.45 26.34 1.71
CA GLN B 14 -11.55 25.94 0.32
C GLN B 14 -12.82 25.16 0.11
N VAL B 15 -13.23 25.08 -1.15
CA VAL B 15 -14.42 24.35 -1.54
C VAL B 15 -14.11 23.78 -2.93
N THR B 16 -14.46 22.52 -3.14
CA THR B 16 -14.21 21.83 -4.40
C THR B 16 -14.88 22.41 -5.63
N ASP B 17 -16.09 22.93 -5.46
CA ASP B 17 -16.83 23.51 -6.55
C ASP B 17 -17.90 24.35 -5.90
N GLU B 18 -17.51 25.50 -5.37
CA GLU B 18 -18.45 26.37 -4.69
C GLU B 18 -19.78 26.56 -5.41
N GLU B 19 -19.71 26.90 -6.70
CA GLU B 19 -20.91 27.11 -7.50
C GLU B 19 -21.84 25.89 -7.43
N ALA B 20 -21.32 24.75 -7.86
CA ALA B 20 -22.07 23.50 -7.88
C ALA B 20 -22.51 23.06 -6.49
N LEU B 21 -21.61 23.17 -5.51
CA LEU B 21 -21.95 22.79 -4.14
C LEU B 21 -23.05 23.71 -3.65
N ALA B 22 -22.96 24.97 -4.06
CA ALA B 22 -23.96 25.95 -3.65
C ALA B 22 -25.31 25.54 -4.24
N GLU B 23 -25.31 25.22 -5.53
CA GLU B 23 -26.54 24.81 -6.20
C GLU B 23 -27.09 23.52 -5.60
N ARG B 24 -26.22 22.56 -5.32
CA ARG B 24 -26.65 21.30 -4.74
C ARG B 24 -27.30 21.45 -3.36
N LEU B 25 -26.68 22.23 -2.49
CA LEU B 25 -27.20 22.44 -1.14
C LEU B 25 -28.58 23.09 -1.17
N ALA B 26 -28.83 23.83 -2.24
CA ALA B 26 -30.09 24.51 -2.45
C ALA B 26 -31.16 23.52 -2.88
N GLN B 27 -30.80 22.64 -3.81
CA GLN B 27 -31.71 21.63 -4.31
C GLN B 27 -32.46 20.93 -3.16
N GLY B 28 -31.78 20.73 -2.04
CA GLY B 28 -32.42 20.08 -0.89
C GLY B 28 -31.43 19.61 0.16
N PRO B 29 -31.91 18.95 1.23
CA PRO B 29 -31.04 18.45 2.30
C PRO B 29 -30.05 17.40 1.81
N ILE B 30 -28.81 17.48 2.28
CA ILE B 30 -27.80 16.50 1.89
C ILE B 30 -27.18 15.80 3.07
N ALA B 31 -26.44 14.73 2.77
CA ALA B 31 -25.73 13.96 3.76
C ALA B 31 -24.27 14.33 3.63
N LEU B 32 -23.66 14.80 4.73
CA LEU B 32 -22.26 15.17 4.71
C LEU B 32 -21.54 14.49 5.86
N VAL B 33 -20.21 14.46 5.81
CA VAL B 33 -19.43 13.80 6.85
C VAL B 33 -18.14 14.53 7.23
N CYS B 34 -17.64 14.19 8.41
CA CYS B 34 -16.37 14.68 8.94
C CYS B 34 -15.85 13.56 9.81
N GLY B 35 -14.55 13.27 9.69
CA GLY B 35 -13.99 12.19 10.48
C GLY B 35 -12.95 12.60 11.51
N PHE B 36 -12.93 11.86 12.61
CA PHE B 36 -12.00 12.12 13.70
C PHE B 36 -11.29 10.83 14.11
N ASP B 37 -9.96 10.83 13.99
CA ASP B 37 -9.17 9.67 14.34
C ASP B 37 -8.80 9.59 15.81
N PRO B 38 -8.84 8.38 16.39
CA PRO B 38 -8.50 8.14 17.79
C PRO B 38 -7.00 8.23 17.99
N THR B 39 -6.53 9.36 18.49
CA THR B 39 -5.11 9.54 18.75
C THR B 39 -4.90 9.86 20.23
N ALA B 40 -6.00 9.77 20.97
CA ALA B 40 -6.03 10.02 22.40
C ALA B 40 -7.43 9.66 22.87
N ASP B 41 -7.59 9.43 24.17
CA ASP B 41 -8.88 9.05 24.73
C ASP B 41 -9.86 10.21 24.77
N SER B 42 -9.51 11.30 24.08
CA SER B 42 -10.35 12.49 24.06
C SER B 42 -9.99 13.43 22.91
N LEU B 43 -10.95 14.25 22.49
CA LEU B 43 -10.74 15.23 21.43
C LEU B 43 -10.40 16.57 22.08
N HIS B 44 -9.91 17.53 21.31
CA HIS B 44 -9.58 18.85 21.85
C HIS B 44 -10.24 20.00 21.08
N LEU B 45 -10.00 21.22 21.54
CA LEU B 45 -10.60 22.40 20.92
C LEU B 45 -10.44 22.49 19.40
N GLY B 46 -9.35 21.96 18.89
CA GLY B 46 -9.11 22.01 17.46
C GLY B 46 -10.16 21.22 16.70
N HIS B 47 -10.49 20.06 17.25
CA HIS B 47 -11.49 19.16 16.69
C HIS B 47 -12.89 19.76 16.74
N LEU B 48 -13.13 20.63 17.72
CA LEU B 48 -14.43 21.27 17.89
C LEU B 48 -14.85 22.12 16.69
N VAL B 49 -13.93 22.92 16.15
CA VAL B 49 -14.28 23.77 15.02
C VAL B 49 -15.06 22.96 13.96
N PRO B 50 -14.46 21.91 13.38
CA PRO B 50 -15.10 21.07 12.36
C PRO B 50 -16.38 20.44 12.89
N LEU B 51 -16.29 19.84 14.06
CA LEU B 51 -17.45 19.24 14.68
C LEU B 51 -18.60 20.24 14.71
N LEU B 52 -18.28 21.49 15.04
CA LEU B 52 -19.29 22.54 15.13
C LEU B 52 -19.85 22.88 13.77
N CYS B 53 -19.05 22.73 12.73
CA CYS B 53 -19.56 22.99 11.40
C CYS B 53 -20.58 21.92 11.03
N LEU B 54 -20.39 20.71 11.56
CA LEU B 54 -21.34 19.65 11.27
C LEU B 54 -22.69 20.04 11.87
N LYS B 55 -22.69 20.50 13.12
CA LYS B 55 -23.93 20.89 13.76
C LYS B 55 -24.53 22.10 13.06
N ARG B 56 -23.69 22.91 12.42
CA ARG B 56 -24.19 24.07 11.70
C ARG B 56 -25.00 23.56 10.53
N PHE B 57 -24.34 22.81 9.64
CA PHE B 57 -24.98 22.22 8.47
C PHE B 57 -26.26 21.51 8.86
N GLN B 58 -26.27 20.88 10.03
CA GLN B 58 -27.47 20.17 10.49
C GLN B 58 -28.60 21.14 10.76
N GLN B 59 -28.30 22.24 11.44
CA GLN B 59 -29.30 23.23 11.74
C GLN B 59 -29.84 23.76 10.43
N ALA B 60 -28.97 23.83 9.44
CA ALA B 60 -29.35 24.30 8.12
C ALA B 60 -30.17 23.22 7.45
N GLY B 61 -30.40 22.12 8.18
CA GLY B 61 -31.22 21.03 7.67
C GLY B 61 -30.54 19.81 7.06
N HIS B 62 -29.22 19.80 6.97
CA HIS B 62 -28.54 18.65 6.39
C HIS B 62 -28.27 17.52 7.39
N LYS B 63 -27.83 16.37 6.89
CA LYS B 63 -27.56 15.22 7.75
C LYS B 63 -26.07 15.00 8.07
N PRO B 64 -25.69 15.28 9.32
CA PRO B 64 -24.29 15.09 9.71
C PRO B 64 -23.88 13.65 9.90
N VAL B 65 -22.71 13.30 9.38
CA VAL B 65 -22.20 11.96 9.53
C VAL B 65 -20.89 12.11 10.31
N ALA B 66 -20.93 11.73 11.58
CA ALA B 66 -19.75 11.84 12.41
C ALA B 66 -18.99 10.51 12.39
N LEU B 67 -17.85 10.51 11.70
CA LEU B 67 -17.06 9.29 11.59
C LEU B 67 -15.91 9.25 12.59
N VAL B 68 -15.59 8.07 13.08
CA VAL B 68 -14.49 7.88 14.00
C VAL B 68 -13.61 6.81 13.33
N GLY B 69 -12.35 7.16 13.06
CA GLY B 69 -11.44 6.25 12.38
C GLY B 69 -10.92 5.03 13.11
N GLY B 70 -11.82 4.13 13.50
CA GLY B 70 -11.41 2.92 14.18
C GLY B 70 -10.34 2.15 13.43
N ALA B 71 -10.25 2.35 12.12
CA ALA B 71 -9.24 1.66 11.32
C ALA B 71 -8.09 2.62 10.97
N THR B 72 -8.44 3.82 10.51
CA THR B 72 -7.42 4.81 10.15
C THR B 72 -6.51 5.10 11.36
N GLY B 73 -7.11 5.19 12.54
CA GLY B 73 -6.33 5.45 13.74
C GLY B 73 -5.32 4.36 13.99
N LEU B 74 -5.38 3.30 13.20
CA LEU B 74 -4.45 2.18 13.33
C LEU B 74 -3.35 2.32 12.29
N ILE B 75 -3.55 3.22 11.34
CA ILE B 75 -2.57 3.44 10.29
C ILE B 75 -1.78 4.73 10.46
N GLY B 76 -2.45 5.78 10.93
CA GLY B 76 -1.78 7.04 11.17
C GLY B 76 -1.73 8.00 10.01
N ASP B 77 -2.55 9.05 10.07
CA ASP B 77 -2.62 10.09 9.04
C ASP B 77 -1.36 10.96 9.09
N PRO B 78 -0.58 10.98 7.99
CA PRO B 78 0.65 11.76 7.85
C PRO B 78 0.49 13.19 7.37
N SER B 79 -0.74 13.59 7.06
CA SER B 79 -1.00 14.91 6.53
C SER B 79 -0.32 16.07 7.26
N PHE B 80 0.56 16.75 6.52
CA PHE B 80 1.33 17.89 7.02
C PHE B 80 2.04 17.65 8.33
N LYS B 81 2.30 16.39 8.64
CA LYS B 81 2.99 16.00 9.85
C LYS B 81 4.47 15.92 9.52
N ALA B 82 5.30 16.31 10.49
CA ALA B 82 6.75 16.34 10.32
C ALA B 82 7.41 14.97 10.44
N ALA B 83 7.00 14.20 11.44
CA ALA B 83 7.60 12.89 11.62
C ALA B 83 6.53 11.80 11.72
N GLU B 84 6.95 10.59 11.38
CA GLU B 84 6.06 9.44 11.40
C GLU B 84 5.31 9.29 12.72
N ARG B 85 3.98 9.38 12.68
CA ARG B 85 3.18 9.18 13.88
C ARG B 85 3.48 7.73 14.25
N LYS B 86 3.52 7.40 15.54
CA LYS B 86 3.79 6.01 15.87
C LYS B 86 2.50 5.25 16.06
N LEU B 87 2.62 3.92 15.97
CA LEU B 87 1.48 3.03 16.08
C LEU B 87 0.98 2.82 17.48
N ASN B 88 -0.34 2.73 17.63
CA ASN B 88 -0.91 2.46 18.93
C ASN B 88 -1.48 1.05 18.85
N THR B 89 -1.49 0.35 19.98
CA THR B 89 -2.02 -1.00 19.99
C THR B 89 -3.48 -0.98 19.55
N GLU B 90 -3.92 -2.12 19.02
CA GLU B 90 -5.28 -2.31 18.56
C GLU B 90 -6.13 -2.16 19.82
N GLU B 91 -5.59 -2.68 20.92
CA GLU B 91 -6.22 -2.66 22.24
C GLU B 91 -6.57 -1.25 22.67
N THR B 92 -5.56 -0.40 22.74
CA THR B 92 -5.70 1.01 23.11
C THR B 92 -6.71 1.76 22.23
N VAL B 93 -6.46 1.73 20.92
CA VAL B 93 -7.29 2.47 19.99
C VAL B 93 -8.79 2.19 20.03
N GLN B 94 -9.19 0.94 20.15
CA GLN B 94 -10.62 0.65 20.19
C GLN B 94 -11.22 1.30 21.41
N GLU B 95 -10.42 1.31 22.48
CA GLU B 95 -10.80 1.91 23.76
C GLU B 95 -10.97 3.42 23.57
N TRP B 96 -10.01 4.06 22.91
CA TRP B 96 -10.12 5.49 22.67
C TRP B 96 -11.36 5.76 21.82
N VAL B 97 -11.57 4.92 20.81
CA VAL B 97 -12.70 5.08 19.91
C VAL B 97 -14.05 5.20 20.60
N ASP B 98 -14.36 4.31 21.52
CA ASP B 98 -15.62 4.40 22.22
C ASP B 98 -15.70 5.79 22.82
N LYS B 99 -14.67 6.14 23.59
CA LYS B 99 -14.57 7.45 24.24
C LYS B 99 -14.98 8.55 23.26
N ILE B 100 -14.20 8.72 22.19
CA ILE B 100 -14.48 9.75 21.20
C ILE B 100 -15.92 9.74 20.69
N ARG B 101 -16.46 8.55 20.43
CA ARG B 101 -17.83 8.46 19.94
C ARG B 101 -18.74 9.11 20.93
N LYS B 102 -18.85 8.51 22.12
CA LYS B 102 -19.72 9.04 23.15
C LYS B 102 -19.47 10.53 23.42
N GLN B 103 -18.21 10.94 23.39
CA GLN B 103 -17.90 12.34 23.61
C GLN B 103 -18.54 13.17 22.50
N VAL B 104 -18.47 12.64 21.28
CA VAL B 104 -19.01 13.32 20.11
C VAL B 104 -20.53 13.40 20.04
N ALA B 105 -21.21 12.35 20.45
CA ALA B 105 -22.65 12.29 20.40
C ALA B 105 -23.45 13.52 20.84
N PRO B 106 -23.15 14.10 22.01
CA PRO B 106 -23.90 15.29 22.49
C PRO B 106 -23.94 16.50 21.54
N PHE B 107 -22.83 16.77 20.87
CA PHE B 107 -22.74 17.91 19.97
C PHE B 107 -23.67 17.89 18.77
N LEU B 108 -24.06 16.70 18.35
CA LEU B 108 -24.96 16.59 17.21
C LEU B 108 -26.33 16.06 17.63
N ASP B 109 -27.36 16.41 16.87
CA ASP B 109 -28.71 15.96 17.19
C ASP B 109 -28.96 14.57 16.58
N PHE B 110 -29.25 13.60 17.44
CA PHE B 110 -29.48 12.24 16.97
C PHE B 110 -30.94 11.81 16.95
N ASP B 111 -31.84 12.75 16.64
CA ASP B 111 -33.24 12.40 16.58
C ASP B 111 -34.16 13.55 16.24
N CYS B 112 -33.66 14.50 15.46
CA CYS B 112 -34.50 15.63 15.07
C CYS B 112 -35.40 15.17 13.91
N GLY B 113 -35.19 13.94 13.45
CA GLY B 113 -36.00 13.42 12.37
C GLY B 113 -35.27 12.98 11.12
N GLU B 114 -35.62 13.60 10.00
CA GLU B 114 -35.00 13.26 8.74
C GLU B 114 -33.49 13.46 8.73
N ASN B 115 -33.04 14.53 9.35
CA ASN B 115 -31.62 14.83 9.37
C ASN B 115 -30.92 14.42 10.67
N SER B 116 -31.37 13.32 11.28
CA SER B 116 -30.74 12.84 12.50
C SER B 116 -29.32 12.44 12.18
N ALA B 117 -28.42 12.69 13.12
CA ALA B 117 -27.02 12.36 12.93
C ALA B 117 -26.74 10.86 12.90
N ILE B 118 -25.66 10.48 12.21
CA ILE B 118 -25.26 9.08 12.12
C ILE B 118 -23.84 8.91 12.66
N ALA B 119 -23.64 7.87 13.46
CA ALA B 119 -22.31 7.62 13.99
C ALA B 119 -21.70 6.65 12.98
N ALA B 120 -20.43 6.86 12.64
CA ALA B 120 -19.76 6.01 11.67
C ALA B 120 -18.38 5.61 12.15
N ASN B 121 -17.92 4.45 11.69
CA ASN B 121 -16.61 3.89 12.07
C ASN B 121 -16.09 3.08 10.90
N ASN B 122 -14.99 3.53 10.29
CA ASN B 122 -14.46 2.83 9.15
C ASN B 122 -13.85 1.46 9.46
N TYR B 123 -13.76 1.11 10.75
CA TYR B 123 -13.22 -0.20 11.10
C TYR B 123 -14.27 -1.17 10.56
N ASP B 124 -15.48 -0.67 10.40
CA ASP B 124 -16.59 -1.45 9.88
C ASP B 124 -16.35 -2.07 8.52
N TRP B 125 -15.52 -1.43 7.70
CA TRP B 125 -15.25 -1.96 6.38
C TRP B 125 -13.78 -2.22 6.07
N PHE B 126 -12.91 -1.90 7.01
CA PHE B 126 -11.49 -2.13 6.81
C PHE B 126 -11.03 -3.22 7.75
N GLY B 127 -11.75 -3.37 8.86
CA GLY B 127 -11.39 -4.37 9.85
C GLY B 127 -11.45 -5.79 9.32
N ASN B 128 -12.35 -6.03 8.36
CA ASN B 128 -12.51 -7.36 7.78
C ASN B 128 -12.36 -7.33 6.28
N MET B 129 -11.34 -6.65 5.78
CA MET B 129 -11.14 -6.58 4.35
C MET B 129 -9.82 -7.22 3.94
N ASN B 130 -9.86 -8.02 2.89
CA ASN B 130 -8.66 -8.68 2.45
C ASN B 130 -7.69 -7.66 1.88
N VAL B 131 -6.41 -7.85 2.16
CA VAL B 131 -5.42 -6.92 1.66
C VAL B 131 -5.36 -6.99 0.15
N LEU B 132 -5.49 -8.19 -0.41
CA LEU B 132 -5.47 -8.33 -1.88
C LEU B 132 -6.70 -7.62 -2.43
N THR B 133 -7.83 -7.72 -1.71
CA THR B 133 -9.03 -7.03 -2.15
C THR B 133 -8.76 -5.52 -2.24
N PHE B 134 -8.17 -4.98 -1.17
CA PHE B 134 -7.86 -3.56 -1.10
C PHE B 134 -6.91 -3.12 -2.19
N LEU B 135 -5.73 -3.70 -2.21
CA LEU B 135 -4.72 -3.34 -3.19
C LEU B 135 -5.19 -3.33 -4.64
N ARG B 136 -6.16 -4.16 -5.00
CA ARG B 136 -6.56 -4.15 -6.38
C ARG B 136 -7.87 -3.40 -6.66
N ASP B 137 -8.87 -3.59 -5.80
CA ASP B 137 -10.16 -2.94 -6.00
C ASP B 137 -10.11 -1.45 -5.71
N ILE B 138 -9.13 -1.03 -4.92
CA ILE B 138 -8.96 0.38 -4.57
C ILE B 138 -7.61 0.89 -5.03
N GLY B 139 -6.57 0.14 -4.69
CA GLY B 139 -5.23 0.55 -5.07
C GLY B 139 -5.10 0.86 -6.54
N LYS B 140 -5.71 0.04 -7.38
CA LYS B 140 -5.64 0.21 -8.82
C LYS B 140 -6.07 1.59 -9.31
N HIS B 141 -6.62 2.41 -8.42
CA HIS B 141 -7.08 3.74 -8.79
C HIS B 141 -6.20 4.88 -8.30
N PHE B 142 -5.03 4.54 -7.78
CA PHE B 142 -4.13 5.57 -7.27
C PHE B 142 -2.78 5.53 -7.94
N SER B 143 -2.38 6.68 -8.46
CA SER B 143 -1.10 6.79 -9.13
C SER B 143 -0.02 7.24 -8.14
N VAL B 144 0.98 6.39 -7.95
CA VAL B 144 2.05 6.74 -7.03
C VAL B 144 2.67 8.08 -7.46
N ASN B 145 2.73 8.30 -8.77
CA ASN B 145 3.29 9.54 -9.30
C ASN B 145 2.57 10.76 -8.76
N GLN B 146 1.24 10.74 -8.80
CA GLN B 146 0.46 11.86 -8.31
C GLN B 146 0.40 11.87 -6.79
N MET B 147 0.55 10.70 -6.19
CA MET B 147 0.51 10.59 -4.74
C MET B 147 1.73 11.25 -4.11
N ILE B 148 2.89 11.10 -4.75
CA ILE B 148 4.14 11.65 -4.27
C ILE B 148 4.16 13.18 -4.24
N ASN B 149 3.42 13.82 -5.14
CA ASN B 149 3.42 15.28 -5.20
C ASN B 149 2.29 15.94 -4.43
N LYS B 150 1.37 15.15 -3.89
CA LYS B 150 0.28 15.73 -3.13
C LYS B 150 0.94 16.50 -1.97
N GLU B 151 0.50 17.74 -1.76
CA GLU B 151 1.01 18.61 -0.69
C GLU B 151 1.22 17.99 0.68
N ALA B 152 0.16 17.41 1.23
CA ALA B 152 0.21 16.77 2.54
C ALA B 152 1.39 15.83 2.79
N VAL B 153 2.05 15.35 1.73
CA VAL B 153 3.19 14.45 1.92
C VAL B 153 4.39 14.80 1.05
N LYS B 154 4.29 15.86 0.26
CA LYS B 154 5.41 16.26 -0.58
C LYS B 154 6.52 16.52 0.45
N GLN B 155 6.11 17.01 1.62
CA GLN B 155 7.03 17.28 2.72
C GLN B 155 7.95 16.08 2.96
N ARG B 156 7.41 15.10 3.66
CA ARG B 156 8.08 13.85 4.03
C ARG B 156 9.03 13.26 2.99
N LEU B 157 8.65 13.29 1.72
CA LEU B 157 9.53 12.79 0.67
C LEU B 157 10.34 14.03 0.29
N ASN B 158 10.99 14.03 -0.87
CA ASN B 158 11.75 15.20 -1.29
C ASN B 158 12.56 15.82 -0.16
N ARG B 159 12.81 15.05 0.89
CA ARG B 159 13.59 15.55 2.01
C ARG B 159 14.52 14.48 2.54
N GLU B 160 15.66 14.94 3.03
CA GLU B 160 16.70 14.08 3.59
C GLU B 160 16.32 13.82 5.04
N ASP B 161 16.18 14.92 5.77
CA ASP B 161 15.82 14.91 7.18
C ASP B 161 14.53 14.16 7.54
N GLN B 162 13.64 14.01 6.56
CA GLN B 162 12.37 13.33 6.81
C GLN B 162 12.19 12.02 6.08
N GLY B 163 11.00 11.45 6.26
CA GLY B 163 10.67 10.21 5.61
C GLY B 163 9.24 9.80 5.93
N ILE B 164 8.74 8.84 5.16
CA ILE B 164 7.39 8.34 5.36
C ILE B 164 7.37 6.85 5.01
N SER B 165 6.70 6.07 5.86
CA SER B 165 6.61 4.62 5.68
C SER B 165 5.54 4.29 4.66
N PHE B 166 5.52 3.03 4.24
CA PHE B 166 4.52 2.59 3.28
C PHE B 166 3.15 2.63 3.95
N THR B 167 3.15 2.53 5.28
CA THR B 167 1.92 2.54 6.06
C THR B 167 1.17 3.85 5.94
N GLU B 168 1.79 4.92 6.45
CA GLU B 168 1.17 6.23 6.41
C GLU B 168 0.95 6.72 4.98
N PHE B 169 1.79 6.26 4.06
CA PHE B 169 1.70 6.63 2.66
C PHE B 169 0.44 6.03 2.08
N SER B 170 -0.12 5.05 2.79
CA SER B 170 -1.33 4.37 2.35
C SER B 170 -2.58 5.02 2.94
N TYR B 171 -2.41 5.80 4.01
CA TYR B 171 -3.53 6.46 4.68
C TYR B 171 -4.53 7.13 3.71
N ASN B 172 -4.00 7.82 2.71
CA ASN B 172 -4.80 8.54 1.74
C ASN B 172 -5.85 7.66 1.08
N LEU B 173 -5.45 6.45 0.69
CA LEU B 173 -6.39 5.54 0.07
C LEU B 173 -7.51 5.15 1.03
N LEU B 174 -7.19 4.96 2.30
CA LEU B 174 -8.23 4.60 3.27
C LEU B 174 -9.27 5.70 3.43
N GLN B 175 -8.84 6.94 3.63
CA GLN B 175 -9.82 8.02 3.79
C GLN B 175 -10.53 8.28 2.46
N GLY B 176 -9.82 8.05 1.35
CA GLY B 176 -10.42 8.24 0.05
C GLY B 176 -11.57 7.27 -0.13
N TYR B 177 -11.35 6.04 0.30
CA TYR B 177 -12.38 5.02 0.19
C TYR B 177 -13.54 5.30 1.13
N ASP B 178 -13.23 5.83 2.31
CA ASP B 178 -14.26 6.15 3.29
C ASP B 178 -15.33 7.02 2.67
N PHE B 179 -14.93 7.90 1.77
CA PHE B 179 -15.88 8.80 1.14
C PHE B 179 -16.77 8.00 0.19
N ALA B 180 -16.13 7.24 -0.68
CA ALA B 180 -16.85 6.42 -1.63
C ALA B 180 -17.81 5.53 -0.83
N CYS B 181 -17.25 4.74 0.08
CA CYS B 181 -18.07 3.84 0.89
C CYS B 181 -19.27 4.57 1.52
N LEU B 182 -19.05 5.76 2.04
CA LEU B 182 -20.12 6.53 2.67
C LEU B 182 -21.12 7.02 1.65
N ASN B 183 -20.63 7.39 0.47
CA ASN B 183 -21.49 7.89 -0.59
C ASN B 183 -22.42 6.80 -1.09
N LYS B 184 -21.95 5.56 -1.05
CA LYS B 184 -22.73 4.43 -1.54
C LYS B 184 -23.76 3.90 -0.56
N GLN B 185 -23.55 4.12 0.73
CA GLN B 185 -24.54 3.62 1.67
C GLN B 185 -25.35 4.68 2.39
N TYR B 186 -25.03 5.95 2.13
CA TYR B 186 -25.76 7.05 2.75
C TYR B 186 -25.91 8.21 1.77
N GLY B 187 -25.36 8.05 0.58
CA GLY B 187 -25.45 9.11 -0.41
C GLY B 187 -24.77 10.39 0.06
N VAL B 188 -23.76 10.25 0.91
CA VAL B 188 -23.02 11.39 1.44
C VAL B 188 -22.34 12.09 0.26
N VAL B 189 -22.61 13.38 0.08
CA VAL B 189 -22.05 14.11 -1.06
C VAL B 189 -21.07 15.20 -0.66
N LEU B 190 -20.88 15.37 0.65
CA LEU B 190 -19.97 16.39 1.15
C LEU B 190 -19.07 15.90 2.30
N CYS B 191 -17.78 16.22 2.23
CA CYS B 191 -16.83 15.86 3.27
C CYS B 191 -16.17 17.17 3.72
N ILE B 192 -16.38 17.55 4.98
CA ILE B 192 -15.78 18.78 5.52
C ILE B 192 -14.70 18.42 6.54
N GLY B 193 -13.65 19.23 6.61
CA GLY B 193 -12.58 18.97 7.55
C GLY B 193 -11.69 20.18 7.68
N GLY B 194 -10.57 20.03 8.36
CA GLY B 194 -9.68 21.15 8.50
C GLY B 194 -8.84 21.31 7.24
N SER B 195 -8.24 22.49 7.09
CA SER B 195 -7.39 22.78 5.94
C SER B 195 -6.43 21.63 5.60
N ASP B 196 -5.79 21.08 6.61
CA ASP B 196 -4.86 20.00 6.38
C ASP B 196 -5.52 18.75 5.76
N GLN B 197 -6.81 18.57 6.02
CA GLN B 197 -7.49 17.40 5.49
C GLN B 197 -7.87 17.48 4.00
N TRP B 198 -7.58 18.61 3.37
CA TRP B 198 -7.92 18.81 1.97
C TRP B 198 -7.54 17.65 1.05
N GLY B 199 -6.27 17.55 0.68
CA GLY B 199 -5.83 16.47 -0.21
C GLY B 199 -6.51 15.13 0.05
N ASN B 200 -6.70 14.81 1.34
CA ASN B 200 -7.36 13.58 1.73
C ASN B 200 -8.78 13.59 1.17
N ILE B 201 -9.44 14.75 1.21
CA ILE B 201 -10.81 14.92 0.71
C ILE B 201 -10.82 14.73 -0.79
N THR B 202 -9.97 15.49 -1.46
CA THR B 202 -9.82 15.43 -2.89
C THR B 202 -9.87 13.99 -3.30
N SER B 203 -8.84 13.25 -2.89
CA SER B 203 -8.72 11.83 -3.22
C SER B 203 -10.01 11.07 -3.04
N GLY B 204 -10.85 11.53 -2.12
CA GLY B 204 -12.12 10.86 -1.89
C GLY B 204 -13.04 11.24 -3.03
N ILE B 205 -13.05 12.52 -3.36
CA ILE B 205 -13.88 12.99 -4.45
C ILE B 205 -13.61 12.15 -5.69
N ASP B 206 -12.35 12.02 -6.07
CA ASP B 206 -12.01 11.24 -7.26
C ASP B 206 -12.38 9.77 -7.22
N LEU B 207 -12.01 9.06 -6.16
CA LEU B 207 -12.34 7.66 -6.07
C LEU B 207 -13.84 7.50 -6.22
N THR B 208 -14.61 8.39 -5.58
CA THR B 208 -16.08 8.35 -5.65
C THR B 208 -16.56 8.50 -7.09
N ARG B 209 -15.88 9.36 -7.85
CA ARG B 209 -16.25 9.58 -9.25
C ARG B 209 -15.81 8.35 -10.02
N ARG B 210 -14.57 7.94 -9.77
CA ARG B 210 -13.96 6.80 -10.41
C ARG B 210 -14.67 5.46 -10.13
N LEU B 211 -15.26 5.31 -8.94
CA LEU B 211 -15.95 4.07 -8.56
C LEU B 211 -17.48 4.09 -8.69
N HIS B 212 -18.08 5.26 -8.70
CA HIS B 212 -19.53 5.33 -8.80
C HIS B 212 -20.01 6.36 -9.81
N GLN B 213 -19.08 7.17 -10.31
CA GLN B 213 -19.41 8.19 -11.30
C GLN B 213 -20.29 9.32 -10.80
N ASN B 214 -20.25 9.59 -9.49
CA ASN B 214 -21.06 10.65 -8.91
C ASN B 214 -20.24 11.87 -8.52
N GLN B 215 -20.78 13.08 -8.76
CA GLN B 215 -20.05 14.27 -8.36
C GLN B 215 -20.25 14.46 -6.89
N VAL B 216 -19.12 14.39 -6.18
CA VAL B 216 -19.09 14.53 -4.73
C VAL B 216 -18.26 15.76 -4.38
N PHE B 217 -18.60 16.45 -3.30
CA PHE B 217 -17.88 17.67 -2.94
C PHE B 217 -17.12 17.67 -1.63
N GLY B 218 -16.22 18.64 -1.49
CA GLY B 218 -15.44 18.75 -0.29
C GLY B 218 -15.21 20.19 0.09
N LEU B 219 -15.32 20.48 1.40
CA LEU B 219 -15.12 21.81 1.92
C LEU B 219 -14.32 21.76 3.23
N THR B 220 -13.28 22.59 3.33
CA THR B 220 -12.48 22.61 4.54
C THR B 220 -12.60 23.91 5.30
N VAL B 221 -12.58 23.80 6.63
CA VAL B 221 -12.64 24.96 7.51
C VAL B 221 -11.19 25.36 7.78
N PRO B 222 -10.94 26.66 7.95
CA PRO B 222 -9.55 27.07 8.23
C PRO B 222 -9.07 26.51 9.55
N LEU B 223 -7.77 26.25 9.64
CA LEU B 223 -7.20 25.73 10.87
C LEU B 223 -7.15 26.92 11.81
N ILE B 224 -8.09 26.98 12.76
CA ILE B 224 -8.14 28.09 13.68
C ILE B 224 -6.90 28.15 14.54
N THR B 225 -6.38 29.36 14.67
CA THR B 225 -5.17 29.59 15.44
C THR B 225 -5.30 30.92 16.17
N LYS B 226 -4.44 31.14 17.16
CA LYS B 226 -4.45 32.38 17.92
C LYS B 226 -3.78 33.48 17.08
N ALA B 227 -4.45 34.62 16.94
CA ALA B 227 -3.91 35.74 16.17
C ALA B 227 -2.45 36.01 16.55
N ASP B 228 -2.15 35.91 17.84
CA ASP B 228 -0.81 36.16 18.36
C ASP B 228 0.20 35.19 17.75
N GLY B 229 -0.28 34.21 17.00
CA GLY B 229 0.63 33.26 16.40
C GLY B 229 0.64 31.88 17.05
N THR B 230 1.08 31.82 18.31
CA THR B 230 1.16 30.56 19.06
C THR B 230 0.05 29.54 18.76
N LYS B 231 0.36 28.26 18.96
CA LYS B 231 -0.59 27.18 18.69
C LYS B 231 -1.89 27.27 19.48
N PHE B 232 -2.97 26.80 18.87
CA PHE B 232 -4.29 26.83 19.49
C PHE B 232 -4.60 25.58 20.31
N GLY B 233 -5.33 25.77 21.40
CA GLY B 233 -5.71 24.66 22.26
C GLY B 233 -4.62 24.20 23.22
N LYS B 234 -3.45 24.83 23.15
CA LYS B 234 -2.34 24.46 24.03
C LYS B 234 -2.27 25.43 25.21
N THR B 235 -1.68 24.95 26.32
CA THR B 235 -1.51 25.75 27.53
C THR B 235 -0.19 25.35 28.20
N GLU B 236 -0.20 25.30 29.53
CA GLU B 236 0.98 24.91 30.29
C GLU B 236 0.87 23.40 30.48
N GLY B 237 -0.36 22.94 30.72
CA GLY B 237 -0.61 21.52 30.90
C GLY B 237 -0.97 20.89 29.57
N GLY B 238 -0.73 21.66 28.51
CA GLY B 238 -1.01 21.19 27.17
C GLY B 238 -2.46 21.31 26.75
N ALA B 239 -2.75 20.75 25.58
CA ALA B 239 -4.08 20.74 24.97
C ALA B 239 -5.26 20.82 25.93
N VAL B 240 -6.27 21.56 25.51
CA VAL B 240 -7.50 21.73 26.30
C VAL B 240 -8.46 20.66 25.77
N TRP B 241 -8.70 19.64 26.56
CA TRP B 241 -9.57 18.55 26.16
C TRP B 241 -11.03 18.89 26.33
N LEU B 242 -11.89 17.98 25.85
CA LEU B 242 -13.33 18.18 25.98
C LEU B 242 -13.80 17.24 27.07
N ASP B 243 -12.86 16.45 27.57
CA ASP B 243 -13.13 15.51 28.64
C ASP B 243 -12.97 16.26 29.95
N PRO B 244 -14.07 16.47 30.68
CA PRO B 244 -14.04 17.17 31.96
C PRO B 244 -12.89 16.67 32.86
N LYS B 245 -12.63 15.36 32.79
CA LYS B 245 -11.57 14.75 33.59
C LYS B 245 -10.17 15.20 33.16
N LYS B 246 -9.97 15.44 31.86
CA LYS B 246 -8.67 15.87 31.37
C LYS B 246 -8.53 17.38 31.60
N THR B 247 -9.64 18.09 31.40
CA THR B 247 -9.69 19.54 31.60
C THR B 247 -11.02 19.85 32.25
N SER B 248 -10.97 20.22 33.53
CA SER B 248 -12.18 20.54 34.29
C SER B 248 -12.92 21.72 33.72
N PRO B 249 -14.25 21.73 33.89
CA PRO B 249 -15.08 22.82 33.39
C PRO B 249 -14.56 24.17 33.88
N TYR B 250 -14.04 24.19 35.10
CA TYR B 250 -13.52 25.43 35.63
C TYR B 250 -12.32 25.88 34.80
N LYS B 251 -11.33 25.00 34.66
CA LYS B 251 -10.12 25.31 33.89
C LYS B 251 -10.51 25.63 32.44
N PHE B 252 -11.55 24.97 31.96
CA PHE B 252 -12.03 25.17 30.60
C PHE B 252 -12.55 26.62 30.45
N TYR B 253 -13.45 27.02 31.35
CA TYR B 253 -14.02 28.35 31.32
C TYR B 253 -12.91 29.42 31.43
N GLN B 254 -11.95 29.18 32.32
CA GLN B 254 -10.84 30.12 32.52
C GLN B 254 -10.05 30.33 31.23
N PHE B 255 -9.82 29.24 30.50
CA PHE B 255 -9.08 29.27 29.24
C PHE B 255 -9.77 30.22 28.29
N TRP B 256 -11.10 30.21 28.34
CA TRP B 256 -11.86 31.08 27.44
C TRP B 256 -11.87 32.54 27.86
N ILE B 257 -12.11 32.79 29.14
CA ILE B 257 -12.13 34.16 29.65
C ILE B 257 -10.75 34.84 29.45
N ASN B 258 -9.71 34.02 29.37
CA ASN B 258 -8.35 34.48 29.19
C ASN B 258 -8.03 34.83 27.74
N THR B 259 -9.02 34.68 26.87
CA THR B 259 -8.80 34.96 25.46
C THR B 259 -8.35 36.38 25.19
N ALA B 260 -7.42 36.48 24.24
CA ALA B 260 -6.85 37.73 23.79
C ALA B 260 -7.90 38.53 23.05
N ASP B 261 -7.80 39.86 23.12
CA ASP B 261 -8.73 40.75 22.44
C ASP B 261 -8.80 40.59 20.92
N ALA B 262 -7.68 40.29 20.30
CA ALA B 262 -7.65 40.14 18.85
C ALA B 262 -8.19 38.80 18.42
N ASP B 263 -8.42 37.91 19.37
CA ASP B 263 -8.93 36.59 19.05
C ASP B 263 -10.40 36.44 19.41
N VAL B 264 -10.77 36.92 20.59
CA VAL B 264 -12.12 36.81 21.13
C VAL B 264 -13.29 36.98 20.17
N TYR B 265 -13.20 37.90 19.22
CA TYR B 265 -14.32 38.07 18.30
C TYR B 265 -14.40 36.96 17.26
N ARG B 266 -13.27 36.64 16.63
CA ARG B 266 -13.22 35.56 15.65
C ARG B 266 -13.71 34.30 16.35
N PHE B 267 -13.14 34.05 17.52
CA PHE B 267 -13.49 32.90 18.33
C PHE B 267 -14.98 32.78 18.60
N LEU B 268 -15.67 33.92 18.62
CA LEU B 268 -17.11 33.87 18.84
C LEU B 268 -17.77 33.35 17.57
N LYS B 269 -17.18 33.66 16.42
CA LYS B 269 -17.70 33.23 15.12
C LYS B 269 -17.40 31.75 14.87
N PHE B 270 -16.27 31.28 15.38
CA PHE B 270 -15.87 29.89 15.19
C PHE B 270 -16.50 28.95 16.19
N PHE B 271 -16.38 29.28 17.46
CA PHE B 271 -16.88 28.41 18.53
C PHE B 271 -18.28 28.57 19.09
N THR B 272 -19.07 29.54 18.62
CA THR B 272 -20.40 29.72 19.19
C THR B 272 -21.46 29.80 18.13
N PHE B 273 -22.71 29.92 18.57
CA PHE B 273 -23.84 30.00 17.65
C PHE B 273 -24.53 31.36 17.67
N MET B 274 -23.81 32.41 18.04
CA MET B 274 -24.35 33.75 18.06
C MET B 274 -24.41 34.17 16.62
N SER B 275 -25.39 34.97 16.25
CA SER B 275 -25.50 35.44 14.87
C SER B 275 -24.33 36.37 14.60
N ILE B 276 -23.94 36.48 13.34
CA ILE B 276 -22.82 37.35 12.97
C ILE B 276 -23.15 38.77 13.42
N GLU B 277 -24.44 39.10 13.46
CA GLU B 277 -24.89 40.42 13.86
C GLU B 277 -24.47 40.76 15.29
N GLU B 278 -25.09 40.07 16.25
CA GLU B 278 -24.79 40.32 17.64
C GLU B 278 -23.32 40.16 18.00
N ILE B 279 -22.61 39.33 17.24
CA ILE B 279 -21.19 39.14 17.49
C ILE B 279 -20.51 40.43 17.03
N ASN B 280 -21.09 41.06 16.01
CA ASN B 280 -20.54 42.31 15.50
C ASN B 280 -20.93 43.47 16.42
N ALA B 281 -22.17 43.44 16.92
CA ALA B 281 -22.63 44.48 17.84
C ALA B 281 -21.68 44.42 19.05
N LEU B 282 -21.50 43.21 19.58
CA LEU B 282 -20.64 42.98 20.72
C LEU B 282 -19.26 43.60 20.51
N GLU B 283 -18.67 43.36 19.33
CA GLU B 283 -17.36 43.92 19.06
C GLU B 283 -17.48 45.44 19.09
N GLU B 284 -18.47 45.97 18.37
CA GLU B 284 -18.69 47.40 18.35
C GLU B 284 -18.87 47.90 19.79
N GLU B 285 -19.90 47.40 20.46
CA GLU B 285 -20.14 47.78 21.84
C GLU B 285 -18.84 47.87 22.63
N ASP B 286 -18.12 46.75 22.72
CA ASP B 286 -16.87 46.72 23.46
C ASP B 286 -15.91 47.83 23.10
N LYS B 287 -15.89 48.19 21.81
CA LYS B 287 -14.98 49.25 21.32
C LYS B 287 -15.09 50.53 22.13
N ASN B 288 -16.24 51.17 22.06
CA ASN B 288 -16.46 52.43 22.78
C ASN B 288 -17.39 52.28 23.98
N SER B 289 -16.84 51.73 25.05
CA SER B 289 -17.54 51.51 26.30
C SER B 289 -16.45 51.40 27.36
N GLY B 290 -16.24 52.48 28.12
CA GLY B 290 -15.21 52.51 29.14
C GLY B 290 -15.01 51.26 29.96
N LYS B 291 -15.94 50.32 29.84
CA LYS B 291 -15.87 49.06 30.58
C LYS B 291 -14.84 48.10 30.00
N ALA B 292 -14.76 46.92 30.60
CA ALA B 292 -13.87 45.86 30.13
C ALA B 292 -14.71 45.17 29.06
N PRO B 293 -14.05 44.47 28.12
CA PRO B 293 -14.80 43.78 27.07
C PRO B 293 -15.60 42.64 27.68
N ARG B 294 -16.86 42.48 27.29
CA ARG B 294 -17.62 41.37 27.86
C ARG B 294 -17.69 40.17 26.91
N ALA B 295 -17.03 40.31 25.77
CA ALA B 295 -16.95 39.25 24.76
C ALA B 295 -16.29 38.03 25.38
N GLN B 296 -15.26 38.24 26.19
CA GLN B 296 -14.55 37.14 26.84
C GLN B 296 -15.53 36.33 27.67
N TYR B 297 -16.30 37.06 28.49
CA TYR B 297 -17.32 36.50 29.37
C TYR B 297 -18.34 35.74 28.51
N VAL B 298 -18.87 36.42 27.50
CA VAL B 298 -19.82 35.80 26.60
C VAL B 298 -19.25 34.50 26.03
N LEU B 299 -18.14 34.62 25.31
CA LEU B 299 -17.46 33.49 24.68
C LEU B 299 -17.31 32.30 25.64
N ALA B 300 -16.87 32.57 26.87
CA ALA B 300 -16.70 31.49 27.84
C ALA B 300 -18.04 30.89 28.28
N GLU B 301 -19.06 31.72 28.41
CA GLU B 301 -20.37 31.27 28.85
C GLU B 301 -20.91 30.30 27.79
N GLN B 302 -20.79 30.71 26.53
CA GLN B 302 -21.26 29.92 25.39
C GLN B 302 -20.55 28.58 25.21
N VAL B 303 -19.26 28.67 24.90
CA VAL B 303 -18.48 27.47 24.67
C VAL B 303 -18.50 26.56 25.89
N THR B 304 -18.51 27.13 27.09
CA THR B 304 -18.55 26.27 28.27
C THR B 304 -19.84 25.48 28.37
N ARG B 305 -20.97 26.11 28.08
CA ARG B 305 -22.26 25.40 28.14
C ARG B 305 -22.34 24.41 26.96
N LEU B 306 -21.84 24.83 25.80
CA LEU B 306 -21.83 23.97 24.62
C LEU B 306 -21.13 22.65 24.88
N VAL B 307 -19.94 22.74 25.47
CA VAL B 307 -19.13 21.58 25.76
C VAL B 307 -19.39 20.86 27.10
N HIS B 308 -20.04 21.53 28.05
CA HIS B 308 -20.27 20.89 29.34
C HIS B 308 -21.67 21.06 29.92
N GLY B 309 -22.53 21.77 29.20
CA GLY B 309 -23.89 21.98 29.65
C GLY B 309 -24.05 22.83 30.89
N GLU B 310 -25.29 23.07 31.29
CA GLU B 310 -25.58 23.88 32.46
C GLU B 310 -24.78 23.51 33.72
N GLU B 311 -24.58 22.22 33.95
CA GLU B 311 -23.83 21.78 35.12
C GLU B 311 -22.38 22.24 34.98
N GLY B 312 -21.74 21.84 33.88
CA GLY B 312 -20.36 22.20 33.63
C GLY B 312 -20.09 23.68 33.80
N LEU B 313 -21.06 24.52 33.41
CA LEU B 313 -20.92 25.97 33.52
C LEU B 313 -20.99 26.40 34.99
N GLN B 314 -22.10 26.06 35.64
CA GLN B 314 -22.28 26.41 37.03
C GLN B 314 -21.12 25.89 37.89
N ALA B 315 -20.38 24.91 37.36
CA ALA B 315 -19.25 24.33 38.08
C ALA B 315 -18.00 25.19 37.90
N ALA B 316 -17.90 25.84 36.74
CA ALA B 316 -16.76 26.69 36.44
C ALA B 316 -16.89 27.97 37.24
N LYS B 317 -17.94 28.04 38.07
CA LYS B 317 -18.20 29.20 38.92
C LYS B 317 -18.11 28.82 40.38
N ARG B 318 -17.26 27.85 40.73
CA ARG B 318 -17.12 27.46 42.12
C ARG B 318 -15.96 26.49 42.42
CD1 YSA C . 6.39 -14.12 -6.49
CE1 YSA C . 6.51 -14.28 -5.11
CZ YSA C . 7.75 -14.63 -4.57
OH YSA C . 7.85 -14.83 -3.22
CE2 YSA C . 8.85 -14.79 -5.39
CD2 YSA C . 8.73 -14.63 -6.77
CG YSA C . 7.49 -14.30 -7.32
CB YSA C . 7.34 -14.18 -8.84
CA YSA C . 8.11 -13.00 -9.44
N YSA C . 7.60 -11.73 -8.90
C YSA C . 7.98 -13.02 -10.96
O YSA C . 7.63 -12.04 -11.61
NAT YSA C . 8.28 -14.20 -11.51
SBI YSA C . 8.19 -14.45 -13.12
OAD YSA C . 9.10 -13.51 -13.86
OAE YSA C . 6.77 -14.25 -13.56
O5' YSA C . 8.58 -15.87 -13.38
C5' YSA C . 9.81 -16.19 -14.05
C4' YSA C . 10.96 -16.37 -13.07
O4' YSA C . 12.09 -16.85 -13.81
C3' YSA C . 11.44 -15.06 -12.45
O3' YSA C . 12.32 -15.32 -11.35
C2' YSA C . 12.23 -14.46 -13.61
O2' YSA C . 13.28 -13.64 -13.09
C1' YSA C . 12.85 -15.71 -14.24
N9 YSA C . 12.94 -15.56 -15.71
C8 YSA C . 11.96 -15.21 -16.54
N7 YSA C . 12.43 -15.17 -17.80
C5 YSA C . 13.72 -15.50 -17.75
C4 YSA C . 14.05 -15.74 -16.42
N3 YSA C . 15.29 -16.13 -16.12
C2 YSA C . 16.21 -16.28 -17.06
N1 YSA C . 15.93 -16.07 -18.33
C6 YSA C . 14.71 -15.68 -18.72
N6 YSA C . 14.44 -15.46 -19.99
CD1 YSA D . -10.60 9.61 8.88
CE1 YSA D . -11.39 9.01 7.91
CZ YSA D . -12.20 9.79 7.09
OH YSA D . -13.01 9.20 6.16
CE2 YSA D . -12.21 11.17 7.23
CD2 YSA D . -11.42 11.77 8.21
CG YSA D . -10.61 11.00 9.03
CB YSA D . -9.79 11.64 10.14
CA YSA D . -8.60 12.46 9.63
N YSA D . -7.66 11.58 8.90
C YSA D . -7.86 13.07 10.82
O YSA D . -6.65 12.93 10.96
NAT YSA D . -8.65 13.75 11.66
SBI YSA D . -8.08 14.50 13.00
OAD YSA D . -7.06 15.53 12.61
OAE YSA D . -7.47 13.50 13.93
O5' YSA D . -9.23 15.16 13.69
C5' YSA D . -9.41 16.57 13.68
C4' YSA D . -10.37 17.03 12.57
O4' YSA D . -10.71 18.40 12.81
C3' YSA D . -9.76 17.03 11.18
O3' YSA D . -10.77 17.24 10.20
C2' YSA D . -8.86 18.25 11.30
O2' YSA D . -8.59 18.84 10.02
C1' YSA D . -9.76 19.22 12.09
N9 YSA D . -8.96 20.08 12.99
C8 YSA D . -7.99 19.67 13.81
N7 YSA D . -7.48 20.72 14.46
C5 YSA D . -8.13 21.81 14.04
C4 YSA D . -9.07 21.40 13.10
N3 YSA D . -9.86 22.31 12.52
C2 YSA D . -9.76 23.60 12.84
N1 YSA D . -8.88 24.02 13.72
C6 YSA D . -8.05 23.15 14.34
N6 YSA D . -7.18 23.60 15.25
#